data_4R89
#
_entry.id   4R89
#
_cell.length_a   81.115
_cell.length_b   106.944
_cell.length_c   107.541
_cell.angle_alpha   90.00
_cell.angle_beta   89.84
_cell.angle_gamma   90.00
#
_symmetry.space_group_name_H-M   'P 1 21 1'
#
loop_
_entity.id
_entity.type
_entity.pdbx_description
1 polymer 'Uncharacterized protein'
2 polymer "DNA (5'-D(P*AP*CP*CP*AP*GP*AP*CP*AP*CP*AP*CP*AP*TP*TP*C)-3')"
3 polymer "DNA (5'-D(P*GP*TP*TP*GP*GP*GP*AP*TP*TP*G)-3')"
4 polymer "DNA (5'-D(P*GP*AP*AP*TP*GP*TP*GP*TP*GP*TP*CP*TP*CP*AP*AP*TP*CP*CP*CP*AP*AP*C)-3')"
5 non-polymer 'MANGANESE (II) ION'
#
loop_
_entity_poly.entity_id
_entity_poly.type
_entity_poly.pdbx_seq_one_letter_code
_entity_poly.pdbx_strand_id
1 'polypeptide(L)'
;MHEQYQAPLPVNSPALPEPFYYLHNFRAVLAWIGERYADLLDDQERAFIAAFAELPEASQALLVRMVMRKGTLFREGKLA
YAEIGDTRAAVQPLLALGWVDAQPTLELAQLFGLLKKDELSQLFRDHLGRANLRKDALLERLQPLFPEARRLAEWQADFA
EPVYELRCMALCDRLRLMYFGNLWQDWSEFVLADLGIYRYESVEFSADSRGFRLRADVDAYLHLFDCRQRFDLGEPLEEL
LAGLPGEPYANPWLEGRRVKLLFQFAQHCEKQRDFDLAQRLYRQSSHPGARLRAIRSLERGERFAEAHALAREASCAPES
DAERQGLARLLPRLQGKLGLPRQARAAAPEIDRLDLCLAFPSEPCSVEWAVREHLEEPGCAVHYVENGLINSLFGLLCWE
AIFAAIPGAFFHPFHSAPADLHSADFRQRRAALFEACLGRLEDGSYRDAIRCRYRDKFGLQSPFVYWELLGEELLEQALD
CLPAAHLRAWFERLLEDIPGNRAGLPDLIQFWPAQRRYRMVEVKGPGDRLQDNQLRWLQFCREREMPVAVCYVRWHVDD
;
A,E
2 'polydeoxyribonucleotide' (DA)(DC)(DC)(DA)(DG)(DA)(DC)(DA)(DC)(DA)(DC)(DA)(DT)(DT)(DC) B,F
3 'polydeoxyribonucleotide' (DG)(DT)(DT)(DG)(DG)(DG)(DA)(DT)(DT)(DG) C,G
4 'polydeoxyribonucleotide'
;(DG)(DA)(DA)(DT)(DG)(DT)(DG)(DT)(DG)(DT)(DC)(DT)(DC)(DA)(DA)(DT)(DC)(DC)(DC)(DA)
(DA)(DC)
;
D,H
#
loop_
_chem_comp.id
_chem_comp.type
_chem_comp.name
_chem_comp.formula
DA DNA linking 2'-DEOXYADENOSINE-5'-MONOPHOSPHATE 'C10 H14 N5 O6 P'
DC DNA linking 2'-DEOXYCYTIDINE-5'-MONOPHOSPHATE 'C9 H14 N3 O7 P'
DG DNA linking 2'-DEOXYGUANOSINE-5'-MONOPHOSPHATE 'C10 H14 N5 O7 P'
DT DNA linking THYMIDINE-5'-MONOPHOSPHATE 'C10 H15 N2 O8 P'
MN non-polymer 'MANGANESE (II) ION' 'Mn 2'
#
# COMPACT_ATOMS: atom_id res chain seq x y z
N PRO A 17 -6.00 -21.51 11.76
CA PRO A 17 -7.14 -22.42 11.59
C PRO A 17 -7.03 -23.69 12.43
N GLU A 18 -5.80 -24.13 12.70
CA GLU A 18 -5.56 -25.35 13.47
C GLU A 18 -4.80 -25.03 14.76
N PRO A 19 -5.42 -25.30 15.93
CA PRO A 19 -4.76 -25.03 17.22
C PRO A 19 -3.42 -25.73 17.39
N PHE A 20 -3.26 -26.93 16.80
CA PHE A 20 -2.01 -27.68 16.89
C PHE A 20 -1.13 -27.44 15.66
N TYR A 21 -0.99 -26.18 15.26
CA TYR A 21 -0.12 -25.79 14.16
C TYR A 21 1.34 -26.06 14.49
N TYR A 22 1.72 -25.74 15.72
CA TYR A 22 3.09 -25.93 16.18
C TYR A 22 3.45 -27.40 16.31
N LEU A 23 2.45 -28.23 16.59
CA LEU A 23 2.68 -29.66 16.71
C LEU A 23 2.82 -30.30 15.34
N HIS A 24 1.92 -29.94 14.42
CA HIS A 24 1.97 -30.46 13.06
C HIS A 24 3.27 -30.10 12.35
N ASN A 25 3.73 -28.87 12.55
CA ASN A 25 4.98 -28.43 11.98
C ASN A 25 6.18 -29.15 12.61
N PHE A 26 6.06 -29.45 13.90
CA PHE A 26 7.09 -30.21 14.59
C PHE A 26 7.13 -31.65 14.09
N ARG A 27 5.94 -32.21 13.82
CA ARG A 27 5.84 -33.54 13.24
C ARG A 27 6.43 -33.55 11.84
N ALA A 28 6.24 -32.45 11.12
CA ALA A 28 6.74 -32.33 9.75
C ALA A 28 8.27 -32.38 9.71
N VAL A 29 8.91 -31.85 10.74
CA VAL A 29 10.37 -31.87 10.83
C VAL A 29 10.88 -33.30 11.05
N LEU A 30 10.35 -33.95 12.09
CA LEU A 30 10.73 -35.32 12.40
C LEU A 30 10.39 -36.25 11.24
N ALA A 31 9.32 -35.94 10.52
CA ALA A 31 8.95 -36.69 9.34
C ALA A 31 10.00 -36.51 8.25
N TRP A 32 10.48 -35.28 8.09
CA TRP A 32 11.51 -34.97 7.11
C TRP A 32 12.81 -35.72 7.42
N ILE A 33 13.15 -35.80 8.70
CA ILE A 33 14.36 -36.47 9.14
C ILE A 33 14.25 -37.99 8.95
N GLY A 34 13.07 -38.54 9.22
CA GLY A 34 12.84 -39.95 9.02
C GLY A 34 12.96 -40.36 7.56
N GLU A 35 12.58 -39.45 6.67
CA GLU A 35 12.65 -39.70 5.24
C GLU A 35 14.07 -39.64 4.71
N ARG A 36 14.73 -38.51 4.93
CA ARG A 36 15.99 -38.19 4.27
C ARG A 36 17.23 -38.48 5.12
N TYR A 37 17.16 -38.16 6.40
CA TYR A 37 18.30 -38.32 7.31
C TYR A 37 18.12 -39.52 8.23
N ALA A 38 17.74 -40.65 7.63
CA ALA A 38 17.51 -41.87 8.40
C ALA A 38 18.82 -42.48 8.91
N ASP A 39 19.77 -42.64 8.00
CA ASP A 39 21.06 -43.26 8.35
C ASP A 39 21.94 -42.35 9.22
N LEU A 40 21.67 -41.04 9.21
CA LEU A 40 22.44 -40.11 10.03
C LEU A 40 22.00 -40.08 11.49
N LEU A 41 20.96 -40.83 11.84
CA LEU A 41 20.47 -40.89 13.22
C LEU A 41 21.12 -42.03 14.01
N ASP A 42 20.96 -41.95 15.33
CA ASP A 42 21.55 -42.90 16.27
C ASP A 42 20.47 -43.74 16.92
N ASP A 43 20.86 -44.88 17.49
CA ASP A 43 19.94 -45.82 18.13
C ASP A 43 18.92 -45.15 19.07
N GLN A 44 19.41 -44.51 20.13
CA GLN A 44 18.53 -43.93 21.13
C GLN A 44 17.73 -42.73 20.60
N GLU A 45 18.23 -42.10 19.54
CA GLU A 45 17.53 -40.97 18.94
C GLU A 45 16.38 -41.42 18.05
N ARG A 46 16.51 -42.58 17.43
CA ARG A 46 15.41 -43.17 16.68
C ARG A 46 14.29 -43.56 17.63
N ALA A 47 14.64 -44.02 18.83
CA ALA A 47 13.67 -44.37 19.84
C ALA A 47 12.89 -43.15 20.33
N PHE A 48 13.52 -41.97 20.28
CA PHE A 48 12.86 -40.74 20.69
C PHE A 48 11.73 -40.37 19.74
N ILE A 49 11.99 -40.47 18.43
CA ILE A 49 11.00 -40.10 17.43
C ILE A 49 9.83 -41.06 17.49
N ALA A 50 10.12 -42.35 17.66
CA ALA A 50 9.09 -43.38 17.75
C ALA A 50 8.25 -43.18 19.01
N ALA A 51 8.94 -42.99 20.14
CA ALA A 51 8.26 -42.83 21.42
C ALA A 51 7.41 -41.56 21.44
N PHE A 52 7.87 -40.53 20.73
CA PHE A 52 7.17 -39.25 20.69
C PHE A 52 5.79 -39.41 20.05
N ALA A 53 5.72 -40.20 18.98
CA ALA A 53 4.45 -40.45 18.31
C ALA A 53 3.47 -41.18 19.21
N GLU A 54 3.99 -41.95 20.17
CA GLU A 54 3.15 -42.72 21.09
C GLU A 54 2.69 -41.94 22.31
N LEU A 55 3.00 -40.64 22.36
CA LEU A 55 2.50 -39.79 23.43
C LEU A 55 1.14 -39.21 23.05
N PRO A 56 0.29 -38.92 24.05
CA PRO A 56 -1.02 -38.31 23.78
C PRO A 56 -0.91 -37.01 22.99
N GLU A 57 -2.01 -36.60 22.35
CA GLU A 57 -2.06 -35.37 21.57
C GLU A 57 -1.68 -34.17 22.45
N ALA A 58 -2.08 -34.22 23.72
CA ALA A 58 -1.83 -33.14 24.65
C ALA A 58 -0.38 -33.11 25.14
N SER A 59 0.19 -34.29 25.34
CA SER A 59 1.55 -34.40 25.87
C SER A 59 2.59 -34.19 24.78
N GLN A 60 2.22 -34.46 23.53
CA GLN A 60 3.08 -34.13 22.40
C GLN A 60 3.13 -32.62 22.24
N ALA A 61 1.99 -31.97 22.48
CA ALA A 61 1.90 -30.52 22.36
C ALA A 61 2.64 -29.82 23.49
N LEU A 62 2.48 -30.33 24.71
CA LEU A 62 3.12 -29.73 25.88
C LEU A 62 4.63 -29.80 25.76
N LEU A 63 5.14 -30.90 25.23
CA LEU A 63 6.58 -31.09 25.09
C LEU A 63 7.16 -30.03 24.16
N VAL A 64 6.64 -29.98 22.94
CA VAL A 64 7.15 -29.08 21.90
C VAL A 64 7.09 -27.61 22.29
N ARG A 65 6.16 -27.26 23.18
CA ARG A 65 6.10 -25.90 23.69
C ARG A 65 7.40 -25.54 24.40
N MET A 66 7.81 -26.39 25.35
CA MET A 66 9.01 -26.13 26.13
C MET A 66 10.28 -26.06 25.28
N VAL A 67 10.25 -26.64 24.08
CA VAL A 67 11.39 -26.57 23.17
C VAL A 67 11.43 -25.21 22.49
N MET A 68 10.31 -24.82 21.88
CA MET A 68 10.24 -23.57 21.14
C MET A 68 10.50 -22.37 22.05
N ARG A 69 10.05 -22.48 23.30
CA ARG A 69 10.34 -21.47 24.30
C ARG A 69 11.85 -21.40 24.52
N LYS A 70 12.36 -20.22 24.84
CA LYS A 70 13.80 -20.02 24.99
C LYS A 70 14.38 -20.89 26.09
N GLY A 71 13.85 -20.75 27.30
CA GLY A 71 14.41 -21.41 28.46
C GLY A 71 14.43 -22.92 28.39
N THR A 72 15.18 -23.53 29.30
CA THR A 72 15.19 -24.97 29.49
C THR A 72 14.31 -25.32 30.68
N LEU A 73 14.45 -24.56 31.75
CA LEU A 73 13.63 -24.73 32.94
C LEU A 73 12.32 -23.98 32.74
N PHE A 74 11.25 -24.45 33.38
CA PHE A 74 9.93 -23.86 33.20
C PHE A 74 9.06 -23.92 34.44
N ARG A 75 8.65 -22.74 34.89
CA ARG A 75 7.72 -22.62 36.00
C ARG A 75 6.35 -23.04 35.49
N GLU A 76 5.65 -23.86 36.28
CA GLU A 76 4.37 -24.43 35.87
C GLU A 76 3.33 -23.35 35.55
N GLY A 77 3.42 -22.21 36.22
CA GLY A 77 2.50 -21.11 35.98
C GLY A 77 2.63 -20.52 34.59
N LYS A 78 3.83 -20.61 34.02
CA LYS A 78 4.09 -20.06 32.69
C LYS A 78 3.69 -21.01 31.55
N LEU A 79 3.38 -22.26 31.88
CA LEU A 79 2.99 -23.24 30.88
C LEU A 79 1.48 -23.46 30.90
N ALA A 80 0.74 -22.37 30.81
CA ALA A 80 -0.73 -22.42 30.82
C ALA A 80 -1.28 -22.29 29.39
N TYR A 81 -1.65 -23.42 28.82
CA TYR A 81 -2.20 -23.46 27.45
C TYR A 81 -3.63 -24.01 27.47
N ALA A 82 -4.43 -23.55 26.51
CA ALA A 82 -5.83 -23.99 26.39
C ALA A 82 -5.95 -25.19 25.45
N GLU A 83 -5.05 -25.27 24.47
CA GLU A 83 -5.04 -26.39 23.53
C GLU A 83 -4.79 -27.66 24.32
N ILE A 84 -3.82 -27.56 25.23
CA ILE A 84 -3.51 -28.64 26.16
C ILE A 84 -4.43 -28.53 27.36
N GLY A 85 -4.80 -29.67 27.92
CA GLY A 85 -5.67 -29.69 29.09
C GLY A 85 -4.93 -29.29 30.34
N ASP A 86 -5.15 -30.04 31.42
CA ASP A 86 -4.43 -29.79 32.67
C ASP A 86 -2.94 -30.00 32.43
N THR A 87 -2.14 -28.98 32.72
CA THR A 87 -0.71 -29.04 32.48
C THR A 87 -0.06 -30.10 33.36
N ARG A 88 -0.53 -30.20 34.60
CA ARG A 88 0.02 -31.17 35.54
C ARG A 88 -0.28 -32.62 35.14
N ALA A 89 -1.28 -32.82 34.28
CA ALA A 89 -1.64 -34.15 33.81
C ALA A 89 -0.90 -34.52 32.53
N ALA A 90 -0.95 -33.63 31.55
CA ALA A 90 -0.34 -33.88 30.24
C ALA A 90 1.19 -33.94 30.28
N VAL A 91 1.78 -33.48 31.38
CA VAL A 91 3.23 -33.54 31.56
C VAL A 91 3.71 -34.89 32.08
N GLN A 92 2.80 -35.68 32.68
CA GLN A 92 3.19 -36.91 33.35
C GLN A 92 3.85 -37.94 32.43
N PRO A 93 3.33 -38.13 31.21
CA PRO A 93 4.01 -39.04 30.28
C PRO A 93 5.44 -38.62 29.95
N LEU A 94 5.73 -37.32 30.03
CA LEU A 94 7.07 -36.83 29.76
C LEU A 94 7.98 -37.03 30.97
N LEU A 95 7.40 -36.93 32.15
CA LEU A 95 8.13 -37.19 33.39
C LEU A 95 8.45 -38.67 33.51
N ALA A 96 7.56 -39.51 32.99
CA ALA A 96 7.77 -40.96 33.00
C ALA A 96 8.93 -41.34 32.08
N LEU A 97 8.95 -40.74 30.89
CA LEU A 97 10.02 -41.00 29.92
C LEU A 97 11.34 -40.36 30.33
N GLY A 98 11.31 -39.45 31.29
CA GLY A 98 12.51 -38.76 31.73
C GLY A 98 12.89 -37.60 30.83
N TRP A 99 12.07 -37.32 29.82
CA TRP A 99 12.34 -36.22 28.90
C TRP A 99 12.19 -34.89 29.63
N VAL A 100 11.24 -34.84 30.55
CA VAL A 100 11.08 -33.71 31.45
C VAL A 100 11.45 -34.19 32.85
N ASP A 101 11.99 -33.29 33.67
CA ASP A 101 12.46 -33.65 35.00
C ASP A 101 11.93 -32.70 36.07
N ALA A 102 11.01 -33.20 36.89
CA ALA A 102 10.54 -32.47 38.05
C ALA A 102 11.61 -32.63 39.14
N GLN A 103 11.58 -31.77 40.13
CA GLN A 103 12.60 -31.75 41.17
C GLN A 103 14.00 -31.64 40.54
N PRO A 104 14.19 -30.69 39.63
CA PRO A 104 15.52 -30.58 39.01
C PRO A 104 16.53 -29.87 39.92
N THR A 105 17.81 -30.11 39.70
CA THR A 105 18.86 -29.44 40.45
C THR A 105 19.35 -28.24 39.64
N LEU A 106 19.25 -27.07 40.25
CA LEU A 106 19.60 -25.82 39.57
C LEU A 106 20.43 -24.90 40.46
N GLU A 107 21.14 -23.98 39.83
CA GLU A 107 22.06 -23.10 40.52
C GLU A 107 21.34 -21.85 40.99
N LEU A 108 22.00 -21.06 41.82
CA LEU A 108 21.48 -19.78 42.23
C LEU A 108 21.31 -18.88 41.01
N ALA A 109 22.24 -18.99 40.06
CA ALA A 109 22.21 -18.18 38.84
C ALA A 109 20.94 -18.39 38.03
N GLN A 110 20.61 -19.65 37.73
CA GLN A 110 19.43 -19.94 36.92
C GLN A 110 18.15 -20.02 37.78
N LEU A 111 18.29 -19.93 39.10
CA LEU A 111 17.13 -19.79 39.98
C LEU A 111 16.54 -18.40 39.82
N PHE A 112 17.40 -17.39 39.75
CA PHE A 112 16.98 -16.01 39.50
C PHE A 112 16.16 -15.90 38.23
N GLY A 113 16.54 -16.68 37.21
CA GLY A 113 15.84 -16.68 35.95
C GLY A 113 14.38 -17.11 36.05
N LEU A 114 14.08 -17.95 37.03
CA LEU A 114 12.73 -18.45 37.23
C LEU A 114 11.88 -17.51 38.10
N LEU A 115 12.48 -17.01 39.17
CA LEU A 115 11.75 -16.23 40.16
C LEU A 115 11.72 -14.73 39.84
N LYS A 116 10.69 -14.06 40.36
CA LYS A 116 10.57 -12.62 40.22
C LYS A 116 11.53 -11.94 41.21
N LYS A 117 11.77 -10.65 41.00
CA LYS A 117 12.69 -9.91 41.86
C LYS A 117 12.13 -9.73 43.27
N ASP A 118 10.81 -9.69 43.37
CA ASP A 118 10.15 -9.51 44.66
C ASP A 118 10.24 -10.77 45.51
N GLU A 119 10.00 -11.92 44.88
CA GLU A 119 10.01 -13.21 45.58
C GLU A 119 11.42 -13.56 46.06
N LEU A 120 12.42 -13.15 45.29
CA LEU A 120 13.81 -13.39 45.68
C LEU A 120 14.17 -12.65 46.96
N SER A 121 13.54 -11.50 47.20
CA SER A 121 13.81 -10.71 48.40
C SER A 121 13.30 -11.42 49.66
N GLN A 122 12.13 -12.05 49.54
CA GLN A 122 11.54 -12.77 50.67
C GLN A 122 12.41 -13.94 51.12
N LEU A 123 12.88 -14.72 50.15
CA LEU A 123 13.66 -15.91 50.45
C LEU A 123 15.00 -15.55 51.09
N PHE A 124 15.70 -14.58 50.50
CA PHE A 124 16.97 -14.10 51.01
C PHE A 124 16.78 -12.85 51.85
N ARG A 125 15.86 -12.92 52.81
CA ARG A 125 15.60 -11.80 53.71
C ARG A 125 16.76 -11.60 54.67
N ASP A 126 17.01 -12.62 55.50
CA ASP A 126 18.08 -12.56 56.50
C ASP A 126 19.35 -13.27 56.05
N HIS A 127 19.47 -13.53 54.76
CA HIS A 127 20.69 -14.10 54.19
C HIS A 127 21.31 -13.10 53.22
N LEU A 128 21.74 -11.97 53.78
CA LEU A 128 22.38 -10.90 53.02
C LEU A 128 21.45 -10.36 51.93
N GLY A 129 20.48 -9.55 52.36
CA GLY A 129 19.53 -8.93 51.48
C GLY A 129 19.49 -7.43 51.69
N ARG A 130 19.87 -6.68 50.64
CA ARG A 130 19.88 -5.23 50.68
C ARG A 130 18.93 -4.66 49.64
N ALA A 131 18.74 -3.34 49.67
CA ALA A 131 17.93 -2.68 48.66
C ALA A 131 18.57 -2.90 47.29
N ASN A 132 18.01 -3.84 46.55
CA ASN A 132 18.60 -4.32 45.29
C ASN A 132 19.03 -3.21 44.33
N LEU A 133 20.13 -3.46 43.62
CA LEU A 133 20.60 -2.56 42.59
C LEU A 133 20.07 -3.03 41.23
N ARG A 134 20.52 -4.21 40.80
CA ARG A 134 20.09 -4.81 39.55
C ARG A 134 20.11 -6.32 39.73
N LYS A 135 19.29 -7.02 38.96
CA LYS A 135 19.13 -8.46 39.11
C LYS A 135 20.42 -9.20 38.75
N ASP A 136 21.09 -8.74 37.71
CA ASP A 136 22.38 -9.32 37.32
C ASP A 136 23.45 -8.99 38.36
N ALA A 137 23.30 -7.85 39.03
CA ALA A 137 24.21 -7.46 40.11
C ALA A 137 23.91 -8.24 41.39
N LEU A 138 22.64 -8.56 41.61
CA LEU A 138 22.25 -9.36 42.77
C LEU A 138 22.84 -10.75 42.67
N LEU A 139 22.92 -11.27 41.45
CA LEU A 139 23.54 -12.56 41.20
C LEU A 139 25.03 -12.49 41.53
N GLU A 140 25.68 -11.42 41.08
CA GLU A 140 27.09 -11.19 41.38
C GLU A 140 27.33 -11.08 42.89
N ARG A 141 26.29 -10.73 43.64
CA ARG A 141 26.38 -10.56 45.08
C ARG A 141 26.25 -11.89 45.84
N LEU A 142 25.34 -12.76 45.40
CA LEU A 142 25.11 -14.04 46.06
C LEU A 142 25.94 -15.17 45.45
N GLN A 143 27.04 -14.84 44.79
CA GLN A 143 27.91 -15.85 44.17
C GLN A 143 28.67 -16.67 45.22
N PRO A 144 29.36 -15.99 46.16
CA PRO A 144 30.21 -16.74 47.09
C PRO A 144 29.45 -17.36 48.26
N LEU A 145 28.24 -16.89 48.52
CA LEU A 145 27.44 -17.40 49.63
C LEU A 145 26.79 -18.72 49.30
N PHE A 146 26.09 -18.75 48.18
CA PHE A 146 25.39 -19.94 47.72
C PHE A 146 25.96 -20.41 46.38
N PRO A 147 27.22 -20.85 46.39
CA PRO A 147 27.87 -21.29 45.15
C PRO A 147 27.29 -22.59 44.62
N GLU A 148 27.09 -23.56 45.51
CA GLU A 148 26.59 -24.86 45.12
C GLU A 148 25.13 -24.80 44.70
N ALA A 149 24.74 -25.72 43.82
CA ALA A 149 23.38 -25.81 43.34
C ALA A 149 22.55 -26.70 44.25
N ARG A 150 21.23 -26.56 44.17
CA ARG A 150 20.31 -27.39 44.95
C ARG A 150 19.02 -27.61 44.18
N ARG A 151 18.14 -28.44 44.75
CA ARG A 151 16.79 -28.57 44.22
C ARG A 151 15.98 -27.36 44.69
N LEU A 152 14.82 -27.15 44.08
CA LEU A 152 13.95 -26.05 44.50
C LEU A 152 13.57 -26.24 45.96
N ALA A 153 13.27 -27.48 46.33
CA ALA A 153 12.90 -27.80 47.71
C ALA A 153 14.01 -27.44 48.70
N GLU A 154 15.25 -27.39 48.23
CA GLU A 154 16.38 -27.06 49.10
C GLU A 154 16.63 -25.56 49.22
N TRP A 155 16.14 -24.77 48.26
CA TRP A 155 16.21 -23.32 48.36
C TRP A 155 15.05 -22.82 49.21
N GLN A 156 13.83 -23.02 48.70
CA GLN A 156 12.61 -22.67 49.41
C GLN A 156 11.73 -23.92 49.44
N ALA A 157 11.93 -24.73 50.45
CA ALA A 157 11.15 -25.96 50.63
C ALA A 157 9.66 -25.66 50.67
N ASP A 158 9.32 -24.51 51.22
CA ASP A 158 7.94 -24.07 51.33
C ASP A 158 7.27 -23.74 49.99
N PHE A 159 8.08 -23.50 48.96
CA PHE A 159 7.58 -23.05 47.66
C PHE A 159 6.54 -24.01 47.09
N ALA A 160 5.48 -23.43 46.52
CA ALA A 160 4.32 -24.21 46.09
C ALA A 160 4.50 -24.80 44.70
N GLU A 161 4.69 -23.94 43.70
CA GLU A 161 4.70 -24.39 42.31
C GLU A 161 5.84 -25.37 42.03
N PRO A 162 5.63 -26.32 41.10
CA PRO A 162 6.69 -27.21 40.63
C PRO A 162 7.40 -26.62 39.41
N VAL A 163 8.67 -26.99 39.22
CA VAL A 163 9.45 -26.52 38.08
C VAL A 163 9.92 -27.69 37.23
N TYR A 164 9.64 -27.61 35.93
CA TYR A 164 10.00 -28.66 34.99
C TYR A 164 11.26 -28.29 34.20
N GLU A 165 12.23 -29.19 34.18
CA GLU A 165 13.45 -29.01 33.40
C GLU A 165 13.42 -29.91 32.17
N LEU A 166 13.75 -29.34 31.02
CA LEU A 166 13.76 -30.08 29.77
C LEU A 166 15.11 -30.78 29.57
N ARG A 167 15.09 -32.11 29.66
CA ARG A 167 16.31 -32.92 29.59
C ARG A 167 16.74 -33.25 28.16
N CYS A 168 15.84 -33.10 27.19
CA CYS A 168 16.11 -33.53 25.82
C CYS A 168 16.34 -32.36 24.85
N MET A 169 16.86 -31.26 25.35
CA MET A 169 17.14 -30.10 24.50
C MET A 169 18.24 -30.41 23.51
N ALA A 170 19.30 -31.07 23.99
CA ALA A 170 20.42 -31.44 23.15
C ALA A 170 19.94 -32.29 21.98
N LEU A 171 19.03 -33.21 22.26
CA LEU A 171 18.44 -34.05 21.23
C LEU A 171 17.65 -33.19 20.24
N CYS A 172 16.85 -32.26 20.76
CA CYS A 172 15.99 -31.43 19.93
C CYS A 172 16.78 -30.56 18.94
N ASP A 173 17.78 -29.86 19.44
CA ASP A 173 18.57 -28.95 18.60
C ASP A 173 19.34 -29.69 17.50
N ARG A 174 19.56 -30.99 17.68
CA ARG A 174 20.20 -31.80 16.65
C ARG A 174 19.27 -31.96 15.45
N LEU A 175 17.99 -32.19 15.72
CA LEU A 175 17.00 -32.35 14.66
C LEU A 175 16.77 -31.02 13.95
N ARG A 176 16.83 -29.92 14.70
CA ARG A 176 16.69 -28.61 14.11
C ARG A 176 17.87 -28.29 13.19
N LEU A 177 19.08 -28.60 13.65
CA LEU A 177 20.27 -28.35 12.86
C LEU A 177 20.33 -29.23 11.61
N MET A 178 19.68 -30.39 11.66
CA MET A 178 19.64 -31.29 10.52
C MET A 178 18.58 -30.88 9.49
N TYR A 179 17.43 -30.41 9.97
CA TYR A 179 16.38 -29.93 9.08
C TYR A 179 16.90 -28.76 8.27
N PHE A 180 17.34 -27.72 8.97
CA PHE A 180 18.00 -26.60 8.32
C PHE A 180 19.44 -26.99 8.02
N GLY A 181 20.24 -26.03 7.56
CA GLY A 181 21.67 -26.21 7.44
C GLY A 181 22.40 -25.38 8.47
N ASN A 182 21.73 -25.11 9.59
CA ASN A 182 22.24 -24.17 10.59
C ASN A 182 21.35 -24.15 11.82
N LEU A 183 21.70 -23.31 12.80
CA LEU A 183 20.92 -23.15 14.02
C LEU A 183 20.28 -21.77 14.17
N TRP A 184 20.64 -20.82 13.31
CA TRP A 184 20.15 -19.46 13.46
C TRP A 184 18.63 -19.39 13.25
N GLN A 185 18.13 -20.22 12.36
CA GLN A 185 16.69 -20.31 12.14
C GLN A 185 16.05 -21.17 13.23
N ASP A 186 14.85 -20.79 13.66
CA ASP A 186 14.11 -21.56 14.66
C ASP A 186 12.74 -21.95 14.12
N TRP A 187 11.96 -22.64 14.95
CA TRP A 187 10.68 -23.20 14.52
C TRP A 187 9.65 -22.16 14.10
N SER A 188 9.91 -20.88 14.40
CA SER A 188 9.04 -19.81 13.94
C SER A 188 8.97 -19.71 12.42
N GLU A 189 9.99 -20.22 11.73
CA GLU A 189 10.03 -20.19 10.27
C GLU A 189 8.78 -20.77 9.63
N PHE A 190 8.23 -21.80 10.26
CA PHE A 190 7.04 -22.46 9.74
C PHE A 190 5.83 -21.53 9.84
N VAL A 191 5.70 -20.87 10.98
CA VAL A 191 4.57 -19.97 11.22
C VAL A 191 4.63 -18.80 10.27
N LEU A 192 5.79 -18.15 10.23
CA LEU A 192 5.98 -16.97 9.39
C LEU A 192 5.78 -17.33 7.91
N ALA A 193 6.00 -18.59 7.57
CA ALA A 193 5.77 -19.05 6.20
C ALA A 193 4.29 -19.30 5.92
N ASP A 194 3.63 -20.05 6.80
CA ASP A 194 2.22 -20.38 6.64
C ASP A 194 1.34 -19.13 6.66
N LEU A 195 1.77 -18.11 7.39
CA LEU A 195 1.03 -16.85 7.47
C LEU A 195 1.29 -15.94 6.26
N GLY A 196 2.23 -16.32 5.40
CA GLY A 196 2.49 -15.56 4.19
C GLY A 196 3.43 -14.38 4.39
N ILE A 197 4.00 -14.26 5.60
CA ILE A 197 4.90 -13.17 5.92
C ILE A 197 6.23 -13.40 5.22
N TYR A 198 6.66 -14.66 5.20
CA TYR A 198 7.86 -15.07 4.47
C TYR A 198 7.49 -16.07 3.38
N ARG A 199 7.55 -15.62 2.13
CA ARG A 199 7.26 -16.46 0.98
C ARG A 199 8.56 -16.84 0.30
N TYR A 200 8.77 -18.15 0.10
CA TYR A 200 10.04 -18.65 -0.44
C TYR A 200 9.86 -19.21 -1.84
N GLU A 201 10.91 -19.10 -2.65
CA GLU A 201 10.92 -19.71 -3.97
C GLU A 201 10.91 -21.22 -3.80
N SER A 202 9.89 -21.87 -4.34
CA SER A 202 9.78 -23.32 -4.24
C SER A 202 10.79 -24.01 -5.15
N VAL A 203 12.07 -23.94 -4.77
CA VAL A 203 13.13 -24.63 -5.49
C VAL A 203 12.84 -26.12 -5.44
N GLU A 204 13.11 -26.81 -6.54
CA GLU A 204 12.74 -28.21 -6.66
C GLU A 204 13.63 -29.09 -5.79
N PHE A 205 13.09 -30.23 -5.37
CA PHE A 205 13.81 -31.16 -4.52
C PHE A 205 14.90 -31.85 -5.34
N SER A 206 15.91 -31.09 -5.74
CA SER A 206 16.94 -31.59 -6.64
C SER A 206 18.03 -32.32 -5.87
N ALA A 207 18.86 -31.58 -5.15
CA ALA A 207 19.84 -32.19 -4.25
C ALA A 207 19.07 -32.65 -3.02
N ASP A 208 18.62 -33.90 -3.03
CA ASP A 208 17.74 -34.42 -2.00
C ASP A 208 18.31 -34.20 -0.61
N SER A 209 19.63 -34.26 -0.48
CA SER A 209 20.27 -34.06 0.81
C SER A 209 21.74 -33.66 0.71
N ARG A 210 22.01 -32.37 0.90
CA ARG A 210 23.35 -31.92 1.26
C ARG A 210 23.26 -31.24 2.63
N GLY A 211 22.36 -31.74 3.48
CA GLY A 211 22.27 -31.24 4.83
C GLY A 211 23.60 -31.50 5.52
N PHE A 212 24.00 -32.77 5.52
CA PHE A 212 25.31 -33.17 6.04
C PHE A 212 25.72 -34.50 5.41
N ARG A 213 27.03 -34.73 5.34
CA ARG A 213 27.54 -35.99 4.85
C ARG A 213 27.29 -37.08 5.90
N LEU A 214 28.04 -37.04 7.00
CA LEU A 214 27.86 -37.96 8.12
C LEU A 214 27.64 -37.20 9.41
N ARG A 215 27.35 -37.93 10.49
CA ARG A 215 27.19 -37.34 11.82
C ARG A 215 28.42 -36.53 12.24
N ALA A 216 29.59 -36.94 11.76
CA ALA A 216 30.84 -36.25 12.10
C ALA A 216 30.76 -34.76 11.82
N ASP A 217 30.06 -34.39 10.75
CA ASP A 217 29.88 -32.98 10.40
C ASP A 217 28.96 -32.26 11.39
N VAL A 218 28.00 -32.99 11.95
CA VAL A 218 27.07 -32.40 12.90
C VAL A 218 27.76 -32.09 14.22
N ASP A 219 28.43 -33.09 14.81
CA ASP A 219 29.15 -32.90 16.06
C ASP A 219 30.18 -31.78 15.96
N ALA A 220 30.73 -31.60 14.76
CA ALA A 220 31.70 -30.53 14.52
C ALA A 220 31.00 -29.18 14.65
N TYR A 221 29.89 -29.02 13.92
CA TYR A 221 29.10 -27.80 13.99
C TYR A 221 28.63 -27.53 15.42
N LEU A 222 28.29 -28.60 16.14
CA LEU A 222 27.68 -28.47 17.46
C LEU A 222 28.71 -28.07 18.51
N HIS A 223 29.91 -28.62 18.44
CA HIS A 223 30.94 -28.34 19.43
C HIS A 223 31.52 -26.95 19.21
N LEU A 224 31.61 -26.51 17.96
CA LEU A 224 32.02 -25.15 17.65
C LEU A 224 31.02 -24.15 18.25
N PHE A 225 29.74 -24.48 18.14
CA PHE A 225 28.69 -23.65 18.69
C PHE A 225 28.81 -23.55 20.21
N ASP A 226 29.25 -24.62 20.84
CA ASP A 226 29.39 -24.66 22.29
C ASP A 226 30.49 -23.71 22.77
N CYS A 227 31.55 -23.58 21.98
CA CYS A 227 32.62 -22.62 22.29
C CYS A 227 32.10 -21.19 22.17
N ARG A 228 31.32 -20.94 21.11
CA ARG A 228 30.70 -19.64 20.90
C ARG A 228 29.77 -19.34 22.06
N GLN A 229 29.01 -20.35 22.49
CA GLN A 229 28.09 -20.21 23.61
C GLN A 229 28.86 -19.90 24.88
N ARG A 230 30.01 -20.56 25.04
CA ARG A 230 30.85 -20.37 26.21
C ARG A 230 31.76 -19.14 26.11
N PHE A 231 31.63 -18.37 25.04
CA PHE A 231 32.41 -17.15 24.87
C PHE A 231 31.62 -15.93 25.34
N ASP A 232 30.42 -15.75 24.79
CA ASP A 232 29.53 -14.69 25.23
C ASP A 232 29.27 -14.85 26.73
N LEU A 233 28.93 -16.07 27.11
CA LEU A 233 28.92 -16.45 28.53
C LEU A 233 30.37 -16.43 29.00
N GLY A 234 30.76 -15.34 29.65
CA GLY A 234 32.15 -15.10 30.02
C GLY A 234 32.96 -16.30 30.49
N GLU A 235 34.00 -16.64 29.71
CA GLU A 235 34.91 -17.72 30.06
C GLU A 235 36.27 -17.39 29.46
N PRO A 236 37.36 -17.59 30.23
CA PRO A 236 38.68 -17.17 29.74
C PRO A 236 39.12 -17.90 28.47
N LEU A 237 40.04 -17.28 27.74
CA LEU A 237 40.50 -17.82 26.47
C LEU A 237 41.19 -19.17 26.62
N GLU A 238 41.98 -19.32 27.69
CA GLU A 238 42.71 -20.55 27.93
C GLU A 238 41.79 -21.75 28.12
N GLU A 239 40.55 -21.50 28.51
CA GLU A 239 39.55 -22.55 28.66
C GLU A 239 38.91 -22.93 27.32
N LEU A 240 38.62 -21.92 26.50
CA LEU A 240 37.92 -22.13 25.24
C LEU A 240 38.83 -22.65 24.14
N LEU A 241 40.11 -22.31 24.20
CA LEU A 241 41.08 -22.79 23.21
C LEU A 241 41.54 -24.23 23.49
N ALA A 242 41.32 -24.71 24.71
CA ALA A 242 41.73 -26.05 25.08
C ALA A 242 41.00 -27.10 24.24
N GLY A 243 39.73 -26.86 23.97
CA GLY A 243 38.92 -27.78 23.18
C GLY A 243 39.00 -27.54 21.68
N LEU A 244 39.43 -26.34 21.28
CA LEU A 244 39.50 -26.01 19.86
C LEU A 244 40.67 -26.73 19.18
N PRO A 245 40.64 -26.79 17.83
CA PRO A 245 41.73 -27.44 17.09
C PRO A 245 42.71 -26.44 16.47
N GLY A 246 43.93 -26.92 16.21
CA GLY A 246 44.89 -26.17 15.41
C GLY A 246 44.83 -26.58 13.95
N GLU A 247 44.30 -27.79 13.70
CA GLU A 247 44.16 -28.28 12.33
C GLU A 247 42.86 -27.76 11.71
N PRO A 248 42.91 -27.34 10.44
CA PRO A 248 41.65 -26.88 9.81
C PRO A 248 40.65 -28.01 9.56
N TYR A 249 39.51 -27.67 8.96
CA TYR A 249 38.48 -28.66 8.63
C TYR A 249 38.54 -29.05 7.16
N ALA A 250 37.81 -30.10 6.81
CA ALA A 250 37.74 -30.58 5.43
C ALA A 250 36.49 -30.01 4.75
N ASN A 251 35.35 -30.15 5.41
CA ASN A 251 34.09 -29.62 4.90
C ASN A 251 34.21 -28.11 4.68
N PRO A 252 34.01 -27.63 3.43
CA PRO A 252 34.24 -26.21 3.10
C PRO A 252 33.56 -25.20 4.02
N TRP A 253 32.23 -25.18 4.07
CA TRP A 253 31.52 -24.17 4.85
C TRP A 253 31.66 -24.35 6.35
N LEU A 254 32.17 -25.51 6.77
CA LEU A 254 32.42 -25.78 8.18
C LEU A 254 33.74 -25.14 8.59
N GLU A 255 34.75 -25.31 7.73
CA GLU A 255 36.03 -24.67 7.94
C GLU A 255 35.85 -23.16 8.00
N GLY A 256 34.95 -22.65 7.17
CA GLY A 256 34.68 -21.22 7.12
C GLY A 256 34.16 -20.67 8.43
N ARG A 257 33.36 -21.47 9.15
CA ARG A 257 32.80 -21.00 10.41
C ARG A 257 33.81 -21.04 11.55
N ARG A 258 34.58 -22.12 11.63
CA ARG A 258 35.65 -22.22 12.61
C ARG A 258 36.56 -21.01 12.47
N VAL A 259 36.90 -20.72 11.22
CA VAL A 259 37.69 -19.55 10.88
C VAL A 259 37.00 -18.27 11.34
N LYS A 260 35.71 -18.16 11.02
CA LYS A 260 34.92 -16.99 11.40
C LYS A 260 34.79 -16.86 12.92
N LEU A 261 34.89 -17.99 13.62
CA LEU A 261 34.85 -17.97 15.08
C LEU A 261 36.15 -17.40 15.61
N LEU A 262 37.27 -17.87 15.07
CA LEU A 262 38.57 -17.36 15.46
C LEU A 262 38.67 -15.84 15.24
N PHE A 263 37.95 -15.35 14.23
CA PHE A 263 37.94 -13.92 13.96
C PHE A 263 37.27 -13.15 15.10
N GLN A 264 36.03 -13.52 15.41
CA GLN A 264 35.28 -12.89 16.49
C GLN A 264 36.01 -13.01 17.82
N PHE A 265 36.79 -14.08 17.96
CA PHE A 265 37.62 -14.28 19.15
C PHE A 265 38.74 -13.26 19.21
N ALA A 266 39.43 -13.08 18.08
CA ALA A 266 40.54 -12.14 17.98
C ALA A 266 40.07 -10.71 18.24
N GLN A 267 38.81 -10.42 17.92
CA GLN A 267 38.26 -9.08 18.15
C GLN A 267 38.26 -8.72 19.63
N HIS A 268 37.97 -9.70 20.48
CA HIS A 268 37.94 -9.48 21.92
C HIS A 268 39.35 -9.27 22.45
N CYS A 269 40.32 -9.95 21.85
CA CYS A 269 41.72 -9.80 22.23
C CYS A 269 42.26 -8.42 21.84
N GLU A 270 41.54 -7.73 20.96
CA GLU A 270 41.89 -6.36 20.56
C GLU A 270 40.98 -5.31 21.23
N LYS A 271 39.75 -5.70 21.55
CA LYS A 271 38.82 -4.82 22.25
C LYS A 271 39.42 -4.52 23.62
N GLN A 272 39.79 -5.57 24.34
CA GLN A 272 40.66 -5.44 25.50
C GLN A 272 42.09 -5.39 24.97
N ARG A 273 42.99 -4.82 25.74
CA ARG A 273 44.35 -4.57 25.26
C ARG A 273 45.28 -5.76 25.48
N ASP A 274 45.25 -6.69 24.53
CA ASP A 274 46.19 -7.81 24.49
C ASP A 274 46.45 -8.12 23.02
N PHE A 275 47.22 -7.25 22.38
CA PHE A 275 47.40 -7.28 20.94
C PHE A 275 48.30 -8.42 20.48
N ASP A 276 49.10 -8.96 21.39
CA ASP A 276 49.97 -10.09 21.07
C ASP A 276 49.13 -11.30 20.67
N LEU A 277 48.05 -11.54 21.39
CA LEU A 277 47.19 -12.69 21.14
C LEU A 277 46.32 -12.45 19.90
N ALA A 278 45.63 -11.32 19.87
CA ALA A 278 44.77 -10.95 18.73
C ALA A 278 45.53 -11.12 17.43
N GLN A 279 46.75 -10.61 17.42
CA GLN A 279 47.59 -10.63 16.24
C GLN A 279 47.95 -12.05 15.83
N ARG A 280 48.46 -12.83 16.78
CA ARG A 280 48.84 -14.20 16.49
C ARG A 280 47.64 -15.03 16.05
N LEU A 281 46.45 -14.63 16.47
CA LEU A 281 45.23 -15.37 16.16
C LEU A 281 44.72 -15.04 14.76
N TYR A 282 44.70 -13.75 14.41
CA TYR A 282 44.18 -13.30 13.12
C TYR A 282 44.83 -14.03 11.94
N ARG A 283 46.09 -14.40 12.11
CA ARG A 283 46.82 -15.09 11.05
C ARG A 283 46.41 -16.55 10.91
N GLN A 284 45.92 -17.15 11.98
CA GLN A 284 45.45 -18.53 11.94
C GLN A 284 44.10 -18.67 11.24
N SER A 285 43.41 -17.55 11.03
CA SER A 285 42.11 -17.57 10.36
C SER A 285 42.19 -17.10 8.91
N SER A 286 41.52 -17.83 8.02
CA SER A 286 41.41 -17.43 6.62
C SER A 286 40.10 -16.66 6.38
N HIS A 287 39.69 -15.84 7.35
CA HIS A 287 38.46 -15.07 7.23
C HIS A 287 38.74 -13.82 6.41
N PRO A 288 37.75 -13.36 5.61
CA PRO A 288 37.97 -12.11 4.87
C PRO A 288 38.25 -10.92 5.79
N GLY A 289 39.34 -10.21 5.50
CA GLY A 289 39.73 -9.05 6.28
C GLY A 289 40.47 -9.37 7.57
N ALA A 290 40.79 -10.64 7.79
CA ALA A 290 41.52 -11.04 9.00
C ALA A 290 43.00 -10.74 8.85
N ARG A 291 43.52 -10.94 7.65
CA ARG A 291 44.90 -10.60 7.34
C ARG A 291 45.16 -9.13 7.66
N LEU A 292 44.20 -8.27 7.35
CA LEU A 292 44.36 -6.84 7.58
C LEU A 292 44.48 -6.56 9.07
N ARG A 293 43.57 -7.14 9.86
CA ARG A 293 43.54 -6.89 11.29
C ARG A 293 44.79 -7.44 11.99
N ALA A 294 45.44 -8.42 11.38
CA ALA A 294 46.71 -8.90 11.90
C ALA A 294 47.78 -7.82 11.77
N ILE A 295 47.73 -7.06 10.68
CA ILE A 295 48.69 -5.99 10.46
C ILE A 295 48.42 -4.83 11.42
N ARG A 296 47.15 -4.41 11.50
CA ARG A 296 46.76 -3.33 12.40
C ARG A 296 46.97 -3.68 13.87
N SER A 297 47.07 -4.97 14.17
CA SER A 297 47.35 -5.42 15.53
C SER A 297 48.84 -5.30 15.82
N LEU A 298 49.68 -5.67 14.85
CA LEU A 298 51.12 -5.49 14.98
C LEU A 298 51.47 -4.02 15.11
N GLU A 299 50.82 -3.21 14.27
CA GLU A 299 50.98 -1.76 14.29
C GLU A 299 50.73 -1.22 15.70
N ARG A 300 49.72 -1.77 16.36
CA ARG A 300 49.37 -1.36 17.72
C ARG A 300 50.06 -2.19 18.80
N GLY A 301 51.25 -2.70 18.49
CA GLY A 301 52.08 -3.38 19.48
C GLY A 301 53.54 -2.99 19.36
N GLU A 302 53.81 -1.86 18.68
CA GLU A 302 55.17 -1.44 18.39
C GLU A 302 55.96 -2.56 17.69
N ARG A 303 55.30 -3.27 16.80
CA ARG A 303 55.91 -4.34 16.02
C ARG A 303 55.96 -3.96 14.55
N PHE A 304 56.53 -2.79 14.27
CA PHE A 304 56.55 -2.25 12.92
C PHE A 304 57.34 -3.14 11.97
N ALA A 305 58.36 -3.82 12.51
CA ALA A 305 59.23 -4.68 11.72
C ALA A 305 58.44 -5.79 11.03
N GLU A 306 57.86 -6.67 11.83
CA GLU A 306 57.05 -7.78 11.31
C GLU A 306 55.71 -7.31 10.75
N ALA A 307 55.30 -6.09 11.08
CA ALA A 307 54.10 -5.51 10.47
C ALA A 307 54.34 -5.21 9.00
N HIS A 308 55.55 -4.75 8.68
CA HIS A 308 55.91 -4.42 7.31
C HIS A 308 56.16 -5.67 6.47
N ALA A 309 56.82 -6.65 7.07
CA ALA A 309 57.14 -7.90 6.38
C ALA A 309 55.86 -8.64 6.01
N LEU A 310 54.87 -8.61 6.90
CA LEU A 310 53.57 -9.21 6.61
C LEU A 310 52.82 -8.37 5.59
N ALA A 311 52.83 -7.05 5.79
CA ALA A 311 52.17 -6.13 4.88
C ALA A 311 52.70 -6.27 3.46
N ARG A 312 53.97 -6.66 3.34
CA ARG A 312 54.57 -6.91 2.03
C ARG A 312 53.90 -8.08 1.34
N GLU A 313 53.74 -9.18 2.08
CA GLU A 313 53.11 -10.37 1.55
C GLU A 313 51.70 -10.06 1.04
N ALA A 314 51.06 -9.09 1.65
CA ALA A 314 49.73 -8.65 1.23
C ALA A 314 49.83 -7.73 0.00
N SER A 315 50.82 -6.86 0.00
CA SER A 315 51.03 -5.93 -1.11
C SER A 315 51.33 -6.69 -2.40
N CYS A 316 52.10 -7.77 -2.29
CA CYS A 316 52.46 -8.57 -3.44
C CYS A 316 51.27 -9.37 -3.98
N ALA A 317 50.33 -9.71 -3.10
CA ALA A 317 49.16 -10.47 -3.49
C ALA A 317 47.99 -10.17 -2.55
N PRO A 318 47.21 -9.11 -2.85
CA PRO A 318 46.06 -8.70 -2.03
C PRO A 318 45.00 -9.78 -1.83
N GLU A 319 43.97 -9.42 -1.06
CA GLU A 319 42.90 -10.34 -0.69
C GLU A 319 41.56 -9.98 -1.37
N SER A 320 41.37 -8.70 -1.68
CA SER A 320 40.14 -8.23 -2.29
C SER A 320 40.33 -6.76 -2.63
N ASP A 321 39.35 -6.14 -3.28
CA ASP A 321 39.41 -4.71 -3.56
C ASP A 321 39.45 -3.89 -2.27
N ALA A 322 38.84 -4.41 -1.22
CA ALA A 322 38.82 -3.72 0.07
C ALA A 322 40.17 -3.80 0.77
N GLU A 323 40.82 -4.96 0.69
CA GLU A 323 42.15 -5.14 1.27
C GLU A 323 43.13 -4.15 0.65
N ARG A 324 43.05 -3.98 -0.66
CA ARG A 324 43.93 -3.05 -1.38
C ARG A 324 43.83 -1.66 -0.78
N GLN A 325 42.63 -1.27 -0.37
CA GLN A 325 42.41 0.04 0.22
C GLN A 325 43.12 0.18 1.55
N GLY A 326 43.11 -0.89 2.35
CA GLY A 326 43.75 -0.88 3.65
C GLY A 326 45.26 -0.76 3.58
N LEU A 327 45.86 -1.39 2.57
CA LEU A 327 47.31 -1.37 2.42
C LEU A 327 47.82 0.03 2.11
N ALA A 328 47.10 0.76 1.27
CA ALA A 328 47.48 2.13 0.94
C ALA A 328 47.58 2.99 2.20
N ARG A 329 46.74 2.68 3.18
CA ARG A 329 46.75 3.40 4.44
C ARG A 329 47.93 2.95 5.29
N LEU A 330 48.03 1.64 5.49
CA LEU A 330 48.97 1.08 6.45
C LEU A 330 50.44 1.17 6.04
N LEU A 331 50.72 1.01 4.76
CA LEU A 331 52.11 0.90 4.30
C LEU A 331 52.92 2.18 4.56
N PRO A 332 52.41 3.35 4.15
CA PRO A 332 53.16 4.58 4.45
C PRO A 332 53.45 4.78 5.93
N ARG A 333 52.53 4.35 6.79
CA ARG A 333 52.70 4.51 8.24
C ARG A 333 53.77 3.59 8.79
N LEU A 334 53.83 2.37 8.27
CA LEU A 334 54.85 1.41 8.70
C LEU A 334 56.19 1.76 8.08
N GLN A 335 56.20 1.94 6.76
CA GLN A 335 57.39 2.36 6.04
C GLN A 335 57.99 3.63 6.64
N GLY A 336 57.13 4.51 7.13
CA GLY A 336 57.56 5.75 7.75
C GLY A 336 58.24 5.53 9.09
N LYS A 337 57.56 4.80 9.97
CA LYS A 337 58.10 4.52 11.30
C LYS A 337 59.23 3.49 11.26
N LEU A 338 59.41 2.85 10.11
CA LEU A 338 60.60 2.05 9.87
C LEU A 338 61.60 2.92 9.12
N GLY A 339 62.83 2.42 8.95
CA GLY A 339 63.86 3.15 8.23
C GLY A 339 63.59 3.26 6.73
N LEU A 340 62.58 2.55 6.23
CA LEU A 340 62.26 2.56 4.81
C LEU A 340 61.74 3.91 4.34
N PRO A 341 61.72 4.13 3.01
CA PRO A 341 61.16 5.37 2.46
C PRO A 341 59.65 5.30 2.36
N ARG A 342 58.98 6.43 2.60
CA ARG A 342 57.52 6.47 2.54
C ARG A 342 57.04 6.43 1.08
N GLN A 343 56.67 5.25 0.62
CA GLN A 343 56.17 5.08 -0.74
C GLN A 343 54.85 5.80 -0.89
N ALA A 344 54.68 6.51 -2.00
CA ALA A 344 53.49 7.33 -2.21
C ALA A 344 52.23 6.47 -2.38
N ARG A 345 51.09 7.07 -2.05
CA ARG A 345 49.79 6.41 -2.19
C ARG A 345 48.88 7.25 -3.08
N ALA A 346 47.67 6.75 -3.34
CA ALA A 346 46.74 7.41 -4.24
C ALA A 346 45.57 8.05 -3.50
N ALA A 347 44.84 8.90 -4.22
CA ALA A 347 43.66 9.56 -3.67
C ALA A 347 42.60 9.70 -4.76
N ALA A 348 41.36 9.93 -4.35
CA ALA A 348 40.24 10.01 -5.30
C ALA A 348 39.83 11.46 -5.54
N PRO A 349 39.55 11.82 -6.81
CA PRO A 349 39.08 13.17 -7.10
C PRO A 349 37.58 13.31 -6.83
N GLU A 350 37.21 14.27 -5.98
CA GLU A 350 35.81 14.50 -5.64
C GLU A 350 34.98 14.82 -6.89
N ILE A 351 34.23 13.82 -7.36
CA ILE A 351 33.48 13.94 -8.62
C ILE A 351 32.20 14.74 -8.42
N ASP A 352 32.05 15.81 -9.22
CA ASP A 352 30.83 16.61 -9.22
C ASP A 352 30.38 17.00 -7.82
N ARG A 353 31.34 17.27 -6.94
CA ARG A 353 31.05 17.59 -5.56
C ARG A 353 30.15 18.81 -5.42
N LEU A 354 28.86 18.57 -5.34
CA LEU A 354 27.86 19.63 -5.20
C LEU A 354 27.69 19.94 -3.71
N ASP A 355 27.37 21.19 -3.38
CA ASP A 355 27.14 21.59 -1.99
C ASP A 355 25.90 22.48 -1.87
N LEU A 356 25.26 22.45 -0.71
CA LEU A 356 24.08 23.27 -0.46
C LEU A 356 23.82 23.41 1.05
N CYS A 357 23.62 24.65 1.50
CA CYS A 357 23.41 24.92 2.93
C CYS A 357 21.98 25.41 3.19
N LEU A 358 21.13 24.53 3.72
CA LEU A 358 19.76 24.86 4.07
C LEU A 358 19.58 24.82 5.59
N ALA A 359 19.27 25.97 6.18
CA ALA A 359 19.15 26.10 7.62
C ALA A 359 17.70 26.09 8.08
N PHE A 360 17.40 25.30 9.11
CA PHE A 360 16.08 25.30 9.73
C PHE A 360 16.16 24.76 11.17
N PRO A 361 15.16 25.07 12.01
CA PRO A 361 15.30 24.77 13.43
C PRO A 361 14.70 23.43 13.93
N SER A 362 13.41 23.23 13.76
CA SER A 362 12.67 22.21 14.53
C SER A 362 12.64 20.81 13.92
N GLU A 363 11.94 20.67 12.79
CA GLU A 363 11.55 19.35 12.26
C GLU A 363 12.67 18.30 12.25
N PRO A 364 12.45 17.15 12.91
CA PRO A 364 13.44 16.08 12.96
C PRO A 364 13.23 15.00 11.90
N CYS A 365 12.94 15.41 10.67
CA CYS A 365 12.70 14.46 9.59
C CYS A 365 14.05 13.91 9.15
N SER A 366 14.04 12.75 8.50
CA SER A 366 15.28 12.13 8.04
C SER A 366 16.01 13.04 7.04
N VAL A 367 17.34 13.09 7.17
CA VAL A 367 18.16 13.96 6.35
C VAL A 367 18.03 13.56 4.88
N GLU A 368 18.23 12.28 4.61
CA GLU A 368 18.19 11.75 3.25
C GLU A 368 16.80 11.93 2.65
N TRP A 369 15.79 11.85 3.51
CA TRP A 369 14.40 12.03 3.09
C TRP A 369 14.14 13.48 2.68
N ALA A 370 14.82 14.42 3.34
CA ALA A 370 14.66 15.84 3.04
C ALA A 370 15.31 16.21 1.72
N VAL A 371 16.46 15.61 1.42
CA VAL A 371 17.17 15.91 0.18
C VAL A 371 16.33 15.44 -1.00
N ARG A 372 15.69 14.29 -0.87
CA ARG A 372 14.78 13.77 -1.89
C ARG A 372 13.72 14.82 -2.23
N GLU A 373 13.25 15.52 -1.20
CA GLU A 373 12.22 16.54 -1.35
C GLU A 373 12.71 17.73 -2.19
N HIS A 374 13.98 18.09 -2.01
CA HIS A 374 14.52 19.28 -2.66
C HIS A 374 14.82 19.05 -4.14
N LEU A 375 15.50 17.95 -4.43
CA LEU A 375 15.85 17.62 -5.82
C LEU A 375 14.63 17.36 -6.71
N GLU A 376 13.46 17.17 -6.09
CA GLU A 376 12.23 16.98 -6.83
C GLU A 376 11.97 18.15 -7.79
N GLU A 377 11.70 17.83 -9.04
CA GLU A 377 11.41 18.81 -10.07
C GLU A 377 10.31 18.27 -10.99
N PRO A 378 9.70 19.13 -11.80
CA PRO A 378 8.72 18.61 -12.75
C PRO A 378 9.34 17.77 -13.87
N GLY A 379 10.66 17.83 -14.02
CA GLY A 379 11.35 17.10 -15.07
C GLY A 379 12.10 15.86 -14.61
N CYS A 380 12.36 15.75 -13.30
CA CYS A 380 13.12 14.61 -12.77
C CYS A 380 12.74 14.28 -11.34
N ALA A 381 12.64 12.98 -11.06
CA ALA A 381 12.33 12.48 -9.72
C ALA A 381 13.55 11.78 -9.14
N VAL A 382 13.59 11.67 -7.82
CA VAL A 382 14.70 11.02 -7.12
C VAL A 382 14.19 10.05 -6.06
N HIS A 383 14.86 8.91 -5.95
CA HIS A 383 14.48 7.87 -4.98
C HIS A 383 15.61 7.64 -3.99
N TYR A 384 15.24 7.36 -2.74
CA TYR A 384 16.21 7.11 -1.69
C TYR A 384 16.57 5.63 -1.64
N VAL A 385 17.60 5.25 -2.40
CA VAL A 385 18.03 3.86 -2.51
C VAL A 385 19.52 3.67 -2.29
N GLU A 386 19.91 3.40 -1.06
CA GLU A 386 21.28 3.02 -0.77
C GLU A 386 21.48 1.54 -1.09
N ASN A 387 22.34 1.27 -2.08
CA ASN A 387 22.63 -0.08 -2.56
C ASN A 387 21.38 -0.96 -2.76
N GLY A 388 20.24 -0.33 -3.03
CA GLY A 388 18.98 -1.03 -3.12
C GLY A 388 18.54 -1.32 -4.54
N LEU A 389 18.65 -0.32 -5.40
CA LEU A 389 18.18 -0.45 -6.78
C LEU A 389 19.03 -1.45 -7.55
N ILE A 390 20.33 -1.23 -7.56
CA ILE A 390 21.24 -2.08 -8.34
C ILE A 390 21.20 -3.52 -7.84
N ASN A 391 21.05 -3.69 -6.52
CA ASN A 391 20.94 -5.02 -5.93
C ASN A 391 19.73 -5.79 -6.45
N SER A 392 18.54 -5.24 -6.24
CA SER A 392 17.31 -5.88 -6.72
C SER A 392 17.34 -6.06 -8.23
N LEU A 393 17.75 -5.03 -8.94
CA LEU A 393 17.80 -5.06 -10.39
C LEU A 393 18.73 -6.18 -10.88
N PHE A 394 19.75 -6.50 -10.09
CA PHE A 394 20.65 -7.61 -10.37
C PHE A 394 20.01 -8.94 -10.00
N GLY A 395 19.44 -9.00 -8.79
CA GLY A 395 18.88 -10.23 -8.27
C GLY A 395 17.71 -10.74 -9.08
N LEU A 396 17.10 -9.87 -9.87
CA LEU A 396 16.03 -10.28 -10.76
C LEU A 396 16.56 -10.79 -12.10
N LEU A 397 17.56 -10.09 -12.65
CA LEU A 397 18.16 -10.51 -13.92
C LEU A 397 18.75 -11.90 -13.77
N CYS A 398 19.60 -12.05 -12.76
CA CYS A 398 20.24 -13.33 -12.46
C CYS A 398 19.47 -14.09 -11.38
N TRP A 399 18.15 -13.92 -11.35
CA TRP A 399 17.31 -14.65 -10.40
C TRP A 399 17.42 -16.15 -10.67
N GLU A 400 16.93 -16.57 -11.83
CA GLU A 400 16.91 -17.98 -12.20
C GLU A 400 18.30 -18.62 -12.15
N ALA A 401 19.34 -17.80 -12.29
CA ALA A 401 20.70 -18.29 -12.18
C ALA A 401 21.02 -18.66 -10.74
N ILE A 402 20.60 -17.81 -9.80
CA ILE A 402 20.87 -18.02 -8.38
C ILE A 402 20.12 -19.23 -7.83
N PHE A 403 18.81 -19.26 -8.03
CA PHE A 403 17.97 -20.28 -7.42
C PHE A 403 17.97 -21.62 -8.16
N ALA A 404 18.88 -21.80 -9.11
CA ALA A 404 19.10 -23.11 -9.73
C ALA A 404 19.84 -24.00 -8.74
N ALA A 405 19.40 -25.26 -8.64
CA ALA A 405 19.93 -26.18 -7.63
C ALA A 405 21.18 -26.92 -8.11
N ILE A 406 22.30 -26.71 -7.41
CA ILE A 406 23.52 -27.48 -7.61
C ILE A 406 23.49 -28.62 -6.60
N PRO A 407 24.33 -29.67 -6.77
CA PRO A 407 24.25 -30.82 -5.86
C PRO A 407 24.40 -30.51 -4.37
N GLY A 408 24.82 -29.30 -4.03
CA GLY A 408 24.93 -28.89 -2.64
C GLY A 408 24.51 -27.45 -2.39
N ALA A 409 23.42 -27.02 -3.00
CA ALA A 409 22.89 -25.68 -2.78
C ALA A 409 21.75 -25.70 -1.76
N PHE A 410 20.60 -26.22 -2.18
CA PHE A 410 19.39 -26.18 -1.38
C PHE A 410 19.06 -27.57 -0.86
N PHE A 411 18.33 -27.62 0.25
CA PHE A 411 17.87 -28.88 0.81
C PHE A 411 16.53 -28.73 1.55
N HIS A 412 16.40 -27.70 2.39
CA HIS A 412 15.13 -27.41 3.06
C HIS A 412 14.39 -26.27 2.35
N PRO A 413 13.04 -26.25 2.44
CA PRO A 413 12.25 -25.28 1.67
C PRO A 413 12.40 -23.84 2.14
N PHE A 414 12.51 -23.64 3.45
CA PHE A 414 12.57 -22.29 4.02
C PHE A 414 13.99 -21.71 4.03
N HIS A 415 14.59 -21.58 2.85
CA HIS A 415 15.93 -21.03 2.72
C HIS A 415 15.88 -19.76 1.88
N SER A 416 16.60 -18.73 2.34
CA SER A 416 16.62 -17.45 1.65
C SER A 416 17.40 -17.53 0.35
N ALA A 417 18.59 -18.14 0.41
CA ALA A 417 19.55 -18.11 -0.69
C ALA A 417 20.33 -19.42 -0.78
N PRO A 418 20.98 -19.67 -1.92
CA PRO A 418 21.82 -20.87 -2.03
C PRO A 418 22.92 -20.91 -0.98
N ALA A 419 23.10 -22.07 -0.35
CA ALA A 419 24.02 -22.21 0.78
C ALA A 419 25.47 -21.91 0.42
N ASP A 420 25.85 -22.10 -0.84
CA ASP A 420 27.24 -21.87 -1.26
C ASP A 420 27.43 -20.46 -1.81
N LEU A 421 26.95 -19.46 -1.08
CA LEU A 421 27.01 -18.08 -1.55
C LEU A 421 28.30 -17.41 -1.12
N HIS A 422 28.65 -17.58 0.16
CA HIS A 422 29.88 -17.00 0.69
C HIS A 422 31.13 -17.71 0.15
N SER A 423 30.96 -18.96 -0.28
CA SER A 423 32.06 -19.71 -0.87
C SER A 423 32.50 -19.06 -2.19
N ALA A 424 33.79 -19.09 -2.45
CA ALA A 424 34.35 -18.49 -3.67
C ALA A 424 33.88 -19.18 -4.94
N ASP A 425 33.40 -20.42 -4.82
CA ASP A 425 32.92 -21.16 -5.98
C ASP A 425 31.49 -20.82 -6.38
N PHE A 426 30.90 -19.78 -5.78
CA PHE A 426 29.53 -19.41 -6.09
C PHE A 426 29.36 -19.01 -7.57
N ARG A 427 30.36 -18.35 -8.12
CA ARG A 427 30.33 -17.94 -9.52
C ARG A 427 30.74 -19.09 -10.44
N GLN A 428 31.65 -19.94 -9.96
CA GLN A 428 32.16 -21.05 -10.75
C GLN A 428 31.14 -22.15 -10.93
N ARG A 429 30.43 -22.48 -9.85
CA ARG A 429 29.39 -23.50 -9.90
C ARG A 429 28.14 -23.04 -10.66
N ARG A 430 28.10 -21.76 -11.02
CA ARG A 430 27.02 -21.20 -11.83
C ARG A 430 27.58 -20.40 -13.01
N ALA A 431 28.84 -20.64 -13.36
CA ALA A 431 29.51 -19.87 -14.41
C ALA A 431 28.78 -19.95 -15.75
N ALA A 432 28.04 -21.04 -15.95
CA ALA A 432 27.26 -21.21 -17.17
C ALA A 432 26.02 -20.33 -17.15
N LEU A 433 25.22 -20.46 -16.10
CA LEU A 433 23.94 -19.75 -15.98
C LEU A 433 24.12 -18.24 -15.96
N PHE A 434 25.01 -17.75 -15.10
CA PHE A 434 25.25 -16.31 -14.97
C PHE A 434 25.62 -15.68 -16.31
N GLU A 435 26.45 -16.37 -17.08
CA GLU A 435 26.86 -15.87 -18.39
C GLU A 435 25.72 -15.89 -19.41
N ALA A 436 24.79 -16.81 -19.23
CA ALA A 436 23.61 -16.89 -20.11
C ALA A 436 22.66 -15.73 -19.84
N CYS A 437 22.43 -15.44 -18.56
CA CYS A 437 21.53 -14.35 -18.17
C CYS A 437 22.14 -13.00 -18.48
N LEU A 438 23.40 -12.81 -18.07
CA LEU A 438 24.10 -11.56 -18.30
C LEU A 438 24.30 -11.26 -19.78
N GLY A 439 24.21 -12.28 -20.62
CA GLY A 439 24.24 -12.08 -22.06
C GLY A 439 23.12 -11.16 -22.50
N ARG A 440 21.95 -11.31 -21.88
CA ARG A 440 20.78 -10.50 -22.21
C ARG A 440 21.05 -9.02 -21.97
N LEU A 441 21.95 -8.73 -21.05
CA LEU A 441 22.21 -7.35 -20.62
C LEU A 441 22.82 -6.51 -21.74
N GLU A 442 23.83 -7.05 -22.43
CA GLU A 442 24.44 -6.36 -23.55
C GLU A 442 23.67 -6.66 -24.84
N ASP A 443 23.08 -7.85 -24.92
CA ASP A 443 22.18 -8.20 -26.01
C ASP A 443 20.83 -7.52 -25.76
N GLY A 444 19.81 -7.92 -26.51
CA GLY A 444 18.47 -7.40 -26.28
C GLY A 444 17.73 -8.21 -25.23
N SER A 445 16.59 -7.66 -24.78
CA SER A 445 15.69 -8.35 -23.87
C SER A 445 16.18 -8.43 -22.41
N TYR A 446 16.79 -7.35 -21.94
CA TYR A 446 17.09 -7.21 -20.51
C TYR A 446 15.92 -6.54 -19.78
N ARG A 447 15.05 -5.89 -20.54
CA ARG A 447 13.83 -5.31 -19.98
C ARG A 447 12.72 -6.35 -19.89
N ASP A 448 12.53 -7.08 -20.98
CA ASP A 448 11.52 -8.14 -21.02
C ASP A 448 11.83 -9.24 -20.01
N ALA A 449 13.11 -9.48 -19.74
CA ALA A 449 13.52 -10.52 -18.82
C ALA A 449 13.22 -10.14 -17.37
N ILE A 450 13.64 -8.94 -16.98
CA ILE A 450 13.42 -8.45 -15.63
C ILE A 450 11.94 -8.39 -15.29
N ARG A 451 11.15 -7.87 -16.22
CA ARG A 451 9.71 -7.72 -16.01
C ARG A 451 9.07 -9.06 -15.70
N CYS A 452 9.25 -10.05 -16.58
CA CYS A 452 8.70 -11.38 -16.34
C CYS A 452 9.14 -11.95 -14.99
N ARG A 453 10.42 -11.78 -14.65
CA ARG A 453 10.92 -12.24 -13.36
C ARG A 453 10.45 -11.37 -12.20
N TYR A 454 10.03 -10.15 -12.50
CA TYR A 454 9.46 -9.27 -11.49
C TYR A 454 8.05 -9.71 -11.12
N ARG A 455 7.20 -9.90 -12.12
CA ARG A 455 5.81 -10.28 -11.88
C ARG A 455 5.71 -11.70 -11.32
N ASP A 456 6.42 -12.63 -11.95
CA ASP A 456 6.36 -14.04 -11.58
C ASP A 456 6.81 -14.30 -10.15
N LYS A 457 7.98 -13.78 -9.81
CA LYS A 457 8.64 -14.13 -8.55
C LYS A 457 8.49 -13.04 -7.49
N PHE A 458 7.42 -12.26 -7.54
CA PHE A 458 7.27 -11.11 -6.66
C PHE A 458 7.04 -11.50 -5.20
N GLY A 459 7.58 -10.69 -4.30
CA GLY A 459 7.36 -10.83 -2.87
C GLY A 459 8.18 -11.90 -2.16
N LEU A 460 9.07 -12.57 -2.88
CA LEU A 460 9.79 -13.71 -2.30
C LEU A 460 11.03 -13.28 -1.50
N GLN A 461 11.40 -14.13 -0.53
CA GLN A 461 12.53 -13.84 0.34
C GLN A 461 13.84 -14.18 -0.36
N SER A 462 14.26 -13.30 -1.25
CA SER A 462 15.47 -13.49 -2.03
C SER A 462 16.57 -12.57 -1.53
N PRO A 463 17.84 -13.00 -1.66
CA PRO A 463 18.94 -12.11 -1.27
C PRO A 463 19.08 -10.98 -2.28
N PHE A 464 19.47 -9.81 -1.79
CA PHE A 464 19.61 -8.60 -2.61
C PHE A 464 18.46 -8.38 -3.61
N VAL A 465 17.24 -8.67 -3.17
CA VAL A 465 16.03 -8.30 -3.92
C VAL A 465 15.02 -7.73 -2.93
N TYR A 466 15.15 -6.42 -2.68
CA TYR A 466 14.32 -5.73 -1.71
C TYR A 466 13.01 -5.31 -2.36
N TRP A 467 12.06 -6.23 -2.36
CA TRP A 467 10.76 -6.05 -3.00
C TRP A 467 9.99 -4.87 -2.43
N GLU A 468 10.02 -4.75 -1.11
CA GLU A 468 9.22 -3.74 -0.42
C GLU A 468 9.60 -2.32 -0.84
N LEU A 469 10.80 -2.18 -1.40
CA LEU A 469 11.29 -0.89 -1.86
C LEU A 469 11.00 -0.67 -3.35
N LEU A 470 11.35 -1.65 -4.17
CA LEU A 470 11.21 -1.50 -5.62
C LEU A 470 9.74 -1.52 -6.02
N GLY A 471 9.21 -0.34 -6.38
CA GLY A 471 7.85 -0.21 -6.82
C GLY A 471 7.74 -0.40 -8.33
N GLU A 472 6.52 -0.63 -8.81
CA GLU A 472 6.31 -0.87 -10.23
C GLU A 472 6.61 0.39 -11.06
N GLU A 473 6.46 1.55 -10.44
CA GLU A 473 6.71 2.82 -11.12
C GLU A 473 8.22 3.02 -11.31
N LEU A 474 8.98 2.83 -10.24
CA LEU A 474 10.44 3.02 -10.27
C LEU A 474 11.12 2.16 -11.32
N LEU A 475 10.80 0.88 -11.33
CA LEU A 475 11.47 -0.09 -12.21
C LEU A 475 11.51 0.37 -13.66
N GLU A 476 10.35 0.77 -14.18
CA GLU A 476 10.26 1.17 -15.59
C GLU A 476 11.12 2.38 -15.91
N GLN A 477 11.32 3.26 -14.92
CA GLN A 477 12.14 4.44 -15.10
C GLN A 477 13.62 4.06 -15.19
N ALA A 478 14.05 3.21 -14.26
CA ALA A 478 15.43 2.78 -14.19
C ALA A 478 15.85 2.09 -15.49
N LEU A 479 14.98 1.24 -16.01
CA LEU A 479 15.27 0.49 -17.23
C LEU A 479 15.56 1.39 -18.43
N ASP A 480 14.99 2.60 -18.42
CA ASP A 480 15.17 3.53 -19.54
C ASP A 480 16.44 4.34 -19.38
N CYS A 481 16.64 4.91 -18.20
CA CYS A 481 17.77 5.79 -17.94
C CYS A 481 19.06 5.02 -17.75
N LEU A 482 19.04 4.00 -16.89
CA LEU A 482 20.21 3.19 -16.65
C LEU A 482 20.60 2.46 -17.93
N PRO A 483 21.82 2.71 -18.45
CA PRO A 483 22.18 2.14 -19.74
C PRO A 483 22.68 0.70 -19.64
N ALA A 484 22.78 0.04 -20.78
CA ALA A 484 23.21 -1.36 -20.84
C ALA A 484 24.62 -1.55 -20.28
N ALA A 485 25.56 -0.74 -20.76
CA ALA A 485 26.96 -0.86 -20.39
C ALA A 485 27.22 -0.69 -18.90
N HIS A 486 26.49 0.23 -18.26
CA HIS A 486 26.71 0.52 -16.85
C HIS A 486 26.12 -0.57 -15.97
N LEU A 487 24.98 -1.12 -16.36
CA LEU A 487 24.42 -2.28 -15.71
C LEU A 487 25.34 -3.48 -15.99
N ARG A 488 25.89 -3.51 -17.20
CA ARG A 488 26.81 -4.57 -17.61
C ARG A 488 28.11 -4.52 -16.82
N ALA A 489 28.46 -3.33 -16.33
CA ALA A 489 29.66 -3.15 -15.52
C ALA A 489 29.38 -3.44 -14.04
N TRP A 490 28.25 -2.98 -13.54
CA TRP A 490 27.90 -3.14 -12.13
C TRP A 490 27.78 -4.62 -11.75
N PHE A 491 26.86 -5.31 -12.42
CA PHE A 491 26.55 -6.71 -12.07
C PHE A 491 27.79 -7.58 -12.09
N GLU A 492 28.61 -7.43 -13.12
CA GLU A 492 29.85 -8.19 -13.24
C GLU A 492 30.75 -7.99 -12.03
N ARG A 493 30.71 -6.79 -11.45
CA ARG A 493 31.54 -6.48 -10.30
C ARG A 493 31.02 -7.16 -9.03
N LEU A 494 29.70 -7.26 -8.90
CA LEU A 494 29.12 -7.95 -7.75
C LEU A 494 29.56 -9.41 -7.75
N LEU A 495 29.66 -9.99 -8.94
CA LEU A 495 30.06 -11.39 -9.08
C LEU A 495 31.52 -11.62 -8.70
N GLU A 496 32.35 -10.59 -8.80
CA GLU A 496 33.75 -10.70 -8.38
C GLU A 496 33.82 -10.92 -6.87
N ASP A 497 33.02 -10.16 -6.13
CA ASP A 497 32.93 -10.29 -4.69
C ASP A 497 31.49 -10.01 -4.25
N ILE A 498 30.73 -11.06 -3.99
CA ILE A 498 29.31 -10.90 -3.67
C ILE A 498 29.12 -10.37 -2.25
N PRO A 499 29.77 -10.98 -1.24
CA PRO A 499 29.63 -10.42 0.10
C PRO A 499 30.23 -9.02 0.25
N GLY A 500 31.21 -8.70 -0.58
CA GLY A 500 31.96 -7.46 -0.44
C GLY A 500 31.31 -6.27 -1.11
N ASN A 501 30.75 -6.47 -2.29
CA ASN A 501 30.17 -5.38 -3.08
C ASN A 501 28.65 -5.24 -2.91
N ARG A 502 28.07 -5.93 -1.93
CA ARG A 502 26.64 -5.83 -1.70
C ARG A 502 26.26 -4.51 -1.02
N ALA A 503 27.22 -3.89 -0.34
CA ALA A 503 26.98 -2.66 0.41
C ALA A 503 27.87 -1.52 -0.07
N GLY A 504 27.45 -0.30 0.22
CA GLY A 504 28.24 0.88 -0.02
C GLY A 504 27.93 1.52 -1.36
N LEU A 505 26.83 2.26 -1.40
CA LEU A 505 26.38 2.91 -2.63
C LEU A 505 25.66 4.21 -2.34
N PRO A 506 25.45 5.04 -3.38
CA PRO A 506 24.75 6.32 -3.24
C PRO A 506 23.35 6.20 -2.64
N ASP A 507 23.08 7.00 -1.61
CA ASP A 507 21.76 7.11 -1.01
C ASP A 507 20.67 7.34 -2.05
N LEU A 508 20.89 8.30 -2.95
CA LEU A 508 19.87 8.73 -3.90
C LEU A 508 20.22 8.36 -5.34
N ILE A 509 19.20 8.31 -6.20
CA ILE A 509 19.40 8.14 -7.64
C ILE A 509 18.32 8.94 -8.38
N GLN A 510 18.76 9.82 -9.28
CA GLN A 510 17.84 10.67 -10.04
C GLN A 510 17.76 10.24 -11.49
N PHE A 511 16.62 10.51 -12.12
CA PHE A 511 16.37 10.13 -13.50
C PHE A 511 15.80 11.29 -14.30
N TRP A 512 16.31 11.47 -15.51
CA TRP A 512 15.87 12.52 -16.43
C TRP A 512 15.24 11.86 -17.66
N PRO A 513 13.95 11.51 -17.59
CA PRO A 513 13.28 10.73 -18.65
C PRO A 513 13.39 11.30 -20.07
N ALA A 514 13.27 12.62 -20.22
CA ALA A 514 13.26 13.24 -21.54
C ALA A 514 14.54 12.91 -22.32
N GLN A 515 15.63 13.58 -22.00
CA GLN A 515 16.94 13.16 -22.48
C GLN A 515 17.45 12.13 -21.49
N ARG A 516 17.08 10.86 -21.73
CA ARG A 516 17.40 9.76 -20.83
C ARG A 516 18.81 9.86 -20.26
N ARG A 517 18.90 9.87 -18.93
CA ARG A 517 20.13 10.09 -18.20
C ARG A 517 19.81 9.97 -16.72
N TYR A 518 20.76 9.52 -15.91
CA TYR A 518 20.56 9.37 -14.48
C TYR A 518 21.78 9.93 -13.76
N ARG A 519 21.72 9.93 -12.43
CA ARG A 519 22.87 10.33 -11.62
C ARG A 519 22.64 9.92 -10.16
N MET A 520 23.59 9.17 -9.61
CA MET A 520 23.49 8.71 -8.24
C MET A 520 24.23 9.68 -7.32
N VAL A 521 23.69 9.91 -6.12
CA VAL A 521 24.30 10.87 -5.19
C VAL A 521 24.16 10.47 -3.73
N GLU A 522 25.30 10.39 -3.06
CA GLU A 522 25.34 10.18 -1.61
C GLU A 522 25.27 11.53 -0.92
N VAL A 523 24.44 11.62 0.12
CA VAL A 523 24.23 12.86 0.84
C VAL A 523 24.75 12.77 2.27
N LYS A 524 25.55 13.76 2.66
CA LYS A 524 26.21 13.77 3.96
C LYS A 524 26.13 15.16 4.59
N GLY A 525 26.06 15.19 5.93
CA GLY A 525 26.23 16.42 6.66
C GLY A 525 27.70 16.59 6.97
N PRO A 526 28.08 17.76 7.50
CA PRO A 526 29.49 17.96 7.90
C PRO A 526 29.90 16.95 8.97
N GLY A 527 28.95 16.50 9.77
CA GLY A 527 29.21 15.51 10.80
C GLY A 527 29.66 14.16 10.27
N ASP A 528 29.45 13.91 8.98
CA ASP A 528 29.87 12.64 8.37
C ASP A 528 31.01 12.81 7.40
N ARG A 529 31.70 11.70 7.16
CA ARG A 529 32.65 11.59 6.06
C ARG A 529 32.53 10.15 5.57
N LEU A 530 32.28 9.98 4.27
CA LEU A 530 31.87 8.69 3.72
C LEU A 530 32.79 7.52 4.07
N GLN A 531 32.25 6.32 3.91
CA GLN A 531 32.90 5.10 4.38
C GLN A 531 33.82 4.51 3.32
N ASP A 532 34.46 3.40 3.65
CA ASP A 532 35.39 2.74 2.75
C ASP A 532 34.66 2.03 1.61
N ASN A 533 33.52 1.42 1.93
CA ASN A 533 32.74 0.69 0.93
C ASN A 533 32.12 1.60 -0.13
N GLN A 534 31.71 2.80 0.29
CA GLN A 534 31.15 3.78 -0.64
C GLN A 534 32.26 4.38 -1.49
N LEU A 535 33.38 4.71 -0.86
CA LEU A 535 34.52 5.27 -1.56
C LEU A 535 34.96 4.38 -2.72
N ARG A 536 35.03 3.08 -2.48
CA ARG A 536 35.40 2.12 -3.52
C ARG A 536 34.38 2.10 -4.66
N TRP A 537 33.14 2.44 -4.35
CA TRP A 537 32.08 2.50 -5.37
C TRP A 537 32.17 3.73 -6.25
N LEU A 538 32.55 4.86 -5.66
CA LEU A 538 32.66 6.11 -6.42
C LEU A 538 33.83 6.02 -7.38
N GLN A 539 34.91 5.35 -6.97
CA GLN A 539 36.05 5.12 -7.84
C GLN A 539 35.63 4.31 -9.06
N PHE A 540 34.96 3.19 -8.82
CA PHE A 540 34.51 2.31 -9.89
C PHE A 540 33.60 3.04 -10.88
N CYS A 541 32.89 4.05 -10.39
CA CYS A 541 31.96 4.80 -11.24
C CYS A 541 32.68 5.84 -12.10
N ARG A 542 33.57 6.63 -11.50
CA ARG A 542 34.32 7.63 -12.25
C ARG A 542 35.22 6.99 -13.30
N GLU A 543 35.74 5.80 -13.00
CA GLU A 543 36.56 5.06 -13.93
C GLU A 543 35.79 4.71 -15.21
N ARG A 544 34.50 4.40 -15.05
CA ARG A 544 33.65 4.04 -16.17
C ARG A 544 32.82 5.22 -16.69
N GLU A 545 33.17 6.43 -16.28
CA GLU A 545 32.44 7.63 -16.69
C GLU A 545 30.94 7.52 -16.37
N MET A 546 30.63 6.91 -15.24
CA MET A 546 29.25 6.80 -14.77
C MET A 546 28.85 8.10 -14.08
N PRO A 547 27.75 8.73 -14.53
CA PRO A 547 27.30 9.94 -13.84
C PRO A 547 27.01 9.69 -12.35
N VAL A 548 27.91 10.17 -11.49
CA VAL A 548 27.70 10.09 -10.05
C VAL A 548 28.32 11.32 -9.39
N ALA A 549 27.91 11.60 -8.16
CA ALA A 549 28.37 12.79 -7.45
C ALA A 549 28.19 12.61 -5.95
N VAL A 550 28.78 13.52 -5.18
CA VAL A 550 28.55 13.56 -3.73
C VAL A 550 28.01 14.92 -3.33
N CYS A 551 27.06 14.92 -2.40
CA CYS A 551 26.39 16.14 -1.97
C CYS A 551 26.64 16.40 -0.48
N TYR A 552 27.06 17.61 -0.17
CA TYR A 552 27.32 18.02 1.22
C TYR A 552 26.26 18.96 1.73
N VAL A 553 26.17 19.10 3.05
CA VAL A 553 25.28 20.06 3.68
C VAL A 553 25.99 20.73 4.86
N PRO E 17 -43.51 35.68 -15.82
CA PRO E 17 -44.01 37.06 -15.80
C PRO E 17 -43.12 38.05 -16.54
N GLU E 18 -41.82 37.75 -16.60
CA GLU E 18 -40.86 38.63 -17.28
C GLU E 18 -40.20 37.91 -18.45
N PRO E 19 -40.40 38.41 -19.68
CA PRO E 19 -39.80 37.78 -20.87
C PRO E 19 -38.27 37.67 -20.81
N PHE E 20 -37.61 38.62 -20.16
CA PHE E 20 -36.16 38.60 -20.02
C PHE E 20 -35.72 37.99 -18.69
N TYR E 21 -36.33 36.86 -18.34
CA TYR E 21 -35.98 36.12 -17.12
C TYR E 21 -34.56 35.56 -17.22
N TYR E 22 -34.23 35.04 -18.39
CA TYR E 22 -32.91 34.45 -18.63
C TYR E 22 -31.81 35.51 -18.65
N LEU E 23 -32.17 36.73 -19.03
CA LEU E 23 -31.21 37.83 -19.06
C LEU E 23 -30.97 38.35 -17.65
N HIS E 24 -32.05 38.55 -16.89
CA HIS E 24 -31.93 39.04 -15.53
C HIS E 24 -31.14 38.07 -14.65
N ASN E 25 -31.37 36.78 -14.83
CA ASN E 25 -30.64 35.76 -14.09
C ASN E 25 -29.17 35.73 -14.50
N PHE E 26 -28.91 36.00 -15.78
CA PHE E 26 -27.55 36.06 -16.29
C PHE E 26 -26.84 37.29 -15.72
N ARG E 27 -27.57 38.39 -15.61
CA ARG E 27 -27.05 39.61 -15.00
C ARG E 27 -26.76 39.37 -13.52
N ALA E 28 -27.61 38.56 -12.88
CA ALA E 28 -27.45 38.26 -11.46
C ALA E 28 -26.15 37.50 -11.19
N VAL E 29 -25.73 36.66 -12.14
CA VAL E 29 -24.49 35.91 -11.99
C VAL E 29 -23.29 36.86 -12.08
N LEU E 30 -23.23 37.64 -13.15
CA LEU E 30 -22.14 38.59 -13.35
C LEU E 30 -22.11 39.60 -12.22
N ALA E 31 -23.28 39.92 -11.68
CA ALA E 31 -23.37 40.83 -10.54
C ALA E 31 -22.75 40.16 -9.31
N TRP E 32 -23.03 38.87 -9.14
CA TRP E 32 -22.47 38.11 -8.03
C TRP E 32 -20.95 38.05 -8.11
N ILE E 33 -20.43 37.88 -9.31
CA ILE E 33 -18.99 37.79 -9.54
C ILE E 33 -18.30 39.14 -9.30
N GLY E 34 -18.97 40.22 -9.72
CA GLY E 34 -18.45 41.55 -9.50
C GLY E 34 -18.35 41.90 -8.03
N GLU E 35 -19.28 41.36 -7.24
CA GLU E 35 -19.30 41.61 -5.80
C GLU E 35 -18.22 40.83 -5.07
N ARG E 36 -18.23 39.52 -5.24
CA ARG E 36 -17.44 38.61 -4.41
C ARG E 36 -16.13 38.17 -5.05
N TYR E 37 -16.17 37.87 -6.35
CA TYR E 37 -15.00 37.37 -7.06
C TYR E 37 -14.38 38.45 -7.95
N ALA E 38 -14.18 39.63 -7.37
CA ALA E 38 -13.62 40.76 -8.11
C ALA E 38 -12.14 40.57 -8.39
N ASP E 39 -11.38 40.23 -7.35
CA ASP E 39 -9.93 40.08 -7.47
C ASP E 39 -9.54 38.80 -8.22
N LEU E 40 -10.45 37.84 -8.32
CA LEU E 40 -10.17 36.60 -9.05
C LEU E 40 -10.34 36.74 -10.57
N LEU E 41 -10.76 37.92 -11.03
CA LEU E 41 -10.92 38.16 -12.47
C LEU E 41 -9.67 38.74 -13.11
N ASP E 42 -9.65 38.71 -14.43
CA ASP E 42 -8.51 39.17 -15.23
C ASP E 42 -8.88 40.43 -16.00
N ASP E 43 -7.87 41.15 -16.45
CA ASP E 43 -8.05 42.41 -17.20
C ASP E 43 -9.11 42.33 -18.29
N GLN E 44 -8.88 41.49 -19.30
CA GLN E 44 -9.78 41.42 -20.44
C GLN E 44 -11.15 40.84 -20.09
N GLU E 45 -11.23 40.09 -19.00
CA GLU E 45 -12.50 39.52 -18.56
C GLU E 45 -13.36 40.55 -17.83
N ARG E 46 -12.73 41.50 -17.15
CA ARG E 46 -13.46 42.60 -16.55
C ARG E 46 -14.05 43.49 -17.63
N ALA E 47 -13.33 43.63 -18.74
CA ALA E 47 -13.81 44.41 -19.88
C ALA E 47 -15.03 43.75 -20.54
N PHE E 48 -15.13 42.43 -20.43
CA PHE E 48 -16.26 41.71 -20.99
C PHE E 48 -17.55 42.03 -20.24
N ILE E 49 -17.47 42.03 -18.91
CA ILE E 49 -18.64 42.28 -18.07
C ILE E 49 -19.12 43.72 -18.28
N ALA E 50 -18.17 44.65 -18.35
CA ALA E 50 -18.48 46.05 -18.55
C ALA E 50 -19.09 46.28 -19.92
N ALA E 51 -18.45 45.71 -20.94
CA ALA E 51 -18.91 45.86 -22.32
C ALA E 51 -20.28 45.23 -22.52
N PHE E 52 -20.55 44.15 -21.79
CA PHE E 52 -21.82 43.43 -21.91
C PHE E 52 -22.99 44.32 -21.48
N ALA E 53 -22.78 45.08 -20.41
CA ALA E 53 -23.81 45.99 -19.92
C ALA E 53 -24.12 47.09 -20.93
N GLU E 54 -23.14 47.43 -21.76
CA GLU E 54 -23.30 48.48 -22.75
C GLU E 54 -23.92 48.00 -24.07
N LEU E 55 -24.32 46.73 -24.13
CA LEU E 55 -25.02 46.21 -25.30
C LEU E 55 -26.52 46.46 -25.15
N PRO E 56 -27.24 46.62 -26.28
CA PRO E 56 -28.70 46.81 -26.23
C PRO E 56 -29.42 45.68 -25.49
N GLU E 57 -30.64 45.94 -25.05
CA GLU E 57 -31.45 44.95 -24.34
C GLU E 57 -31.64 43.69 -25.20
N ALA E 58 -31.74 43.89 -26.51
CA ALA E 58 -31.97 42.80 -27.44
C ALA E 58 -30.70 42.00 -27.70
N SER E 59 -29.57 42.68 -27.77
CA SER E 59 -28.30 42.05 -28.07
C SER E 59 -27.70 41.35 -26.85
N GLN E 60 -28.05 41.84 -25.66
CA GLN E 60 -27.67 41.16 -24.43
C GLN E 60 -28.45 39.85 -24.33
N ALA E 61 -29.70 39.89 -24.75
CA ALA E 61 -30.57 38.72 -24.72
C ALA E 61 -30.15 37.69 -25.76
N LEU E 62 -29.82 38.14 -26.96
CA LEU E 62 -29.43 37.25 -28.04
C LEU E 62 -28.14 36.52 -27.70
N LEU E 63 -27.21 37.21 -27.06
CA LEU E 63 -25.93 36.61 -26.68
C LEU E 63 -26.16 35.45 -25.73
N VAL E 64 -26.79 35.73 -24.60
CA VAL E 64 -26.99 34.75 -23.54
C VAL E 64 -27.77 33.52 -24.00
N ARG E 65 -28.59 33.67 -25.03
CA ARG E 65 -29.29 32.52 -25.60
C ARG E 65 -28.27 31.51 -26.13
N MET E 66 -27.35 31.96 -26.96
CA MET E 66 -26.36 31.09 -27.56
C MET E 66 -25.46 30.39 -26.54
N VAL E 67 -25.37 30.95 -25.33
CA VAL E 67 -24.58 30.34 -24.27
C VAL E 67 -25.36 29.19 -23.63
N MET E 68 -26.60 29.47 -23.21
CA MET E 68 -27.43 28.47 -22.54
C MET E 68 -27.70 27.28 -23.46
N ARG E 69 -27.83 27.55 -24.75
CA ARG E 69 -27.97 26.50 -25.75
C ARG E 69 -26.71 25.64 -25.75
N LYS E 70 -26.86 24.35 -26.03
CA LYS E 70 -25.74 23.42 -25.97
C LYS E 70 -24.63 23.81 -26.94
N GLY E 71 -24.97 23.91 -28.21
CA GLY E 71 -23.97 24.13 -29.26
C GLY E 71 -23.17 25.40 -29.11
N THR E 72 -22.09 25.49 -29.88
CA THR E 72 -21.29 26.70 -30.00
C THR E 72 -21.67 27.42 -31.29
N LEU E 73 -21.78 26.64 -32.37
CA LEU E 73 -22.21 27.16 -33.65
C LEU E 73 -23.73 27.22 -33.68
N PHE E 74 -24.28 28.16 -34.45
CA PHE E 74 -25.72 28.36 -34.49
C PHE E 74 -26.23 28.81 -35.85
N ARG E 75 -27.14 28.01 -36.41
CA ARG E 75 -27.81 28.35 -37.64
C ARG E 75 -28.81 29.46 -37.34
N GLU E 76 -28.84 30.48 -38.18
CA GLU E 76 -29.68 31.65 -37.95
C GLU E 76 -31.17 31.29 -37.83
N GLY E 77 -31.59 30.25 -38.53
CA GLY E 77 -32.97 29.81 -38.48
C GLY E 77 -33.38 29.29 -37.11
N LYS E 78 -32.42 28.77 -36.36
CA LYS E 78 -32.69 28.22 -35.04
C LYS E 78 -32.70 29.28 -33.93
N LEU E 79 -32.24 30.49 -34.26
CA LEU E 79 -32.21 31.58 -33.29
C LEU E 79 -33.36 32.56 -33.52
N ALA E 80 -34.57 32.03 -33.59
CA ALA E 80 -35.77 32.84 -33.82
C ALA E 80 -36.51 33.08 -32.50
N TYR E 81 -36.31 34.26 -31.92
CA TYR E 81 -36.96 34.65 -30.67
C TYR E 81 -37.86 35.87 -30.87
N ALA E 82 -38.92 35.94 -30.08
CA ALA E 82 -39.87 37.05 -30.14
C ALA E 82 -39.48 38.17 -29.17
N GLU E 83 -38.83 37.81 -28.08
CA GLU E 83 -38.38 38.80 -27.09
C GLU E 83 -37.38 39.71 -27.78
N ILE E 84 -36.49 39.09 -28.54
CA ILE E 84 -35.51 39.80 -29.36
C ILE E 84 -36.16 40.14 -30.70
N GLY E 85 -35.80 41.28 -31.26
CA GLY E 85 -36.34 41.69 -32.54
C GLY E 85 -35.74 40.91 -33.69
N ASP E 86 -35.36 41.61 -34.75
CA ASP E 86 -34.71 40.97 -35.88
C ASP E 86 -33.38 40.38 -35.42
N THR E 87 -33.22 39.08 -35.61
CA THR E 87 -32.01 38.38 -35.17
C THR E 87 -30.78 38.91 -35.89
N ARG E 88 -30.93 39.19 -37.19
CA ARG E 88 -29.83 39.68 -37.99
C ARG E 88 -29.38 41.08 -37.58
N ALA E 89 -30.24 41.81 -36.87
CA ALA E 89 -29.91 43.16 -36.41
C ALA E 89 -29.29 43.14 -35.02
N ALA E 90 -29.95 42.45 -34.09
CA ALA E 90 -29.50 42.40 -32.70
C ALA E 90 -28.17 41.65 -32.52
N VAL E 91 -27.77 40.90 -33.53
CA VAL E 91 -26.49 40.18 -33.49
C VAL E 91 -25.30 41.06 -33.87
N GLN E 92 -25.56 42.17 -34.56
CA GLN E 92 -24.48 42.99 -35.12
C GLN E 92 -23.52 43.55 -34.06
N PRO E 93 -24.05 44.03 -32.93
CA PRO E 93 -23.14 44.49 -31.87
C PRO E 93 -22.21 43.39 -31.35
N LEU E 94 -22.64 42.14 -31.44
CA LEU E 94 -21.82 41.02 -30.98
C LEU E 94 -20.76 40.67 -32.03
N LEU E 95 -21.13 40.83 -33.30
CA LEU E 95 -20.19 40.62 -34.39
C LEU E 95 -19.13 41.72 -34.41
N ALA E 96 -19.51 42.91 -33.99
CA ALA E 96 -18.57 44.03 -33.91
C ALA E 96 -17.54 43.78 -32.81
N LEU E 97 -18.02 43.32 -31.65
CA LEU E 97 -17.13 43.02 -30.53
C LEU E 97 -16.29 41.76 -30.76
N GLY E 98 -16.66 40.95 -31.75
CA GLY E 98 -15.95 39.72 -32.03
C GLY E 98 -16.36 38.58 -31.13
N TRP E 99 -17.36 38.81 -30.28
CA TRP E 99 -17.84 37.78 -29.38
C TRP E 99 -18.57 36.69 -30.16
N VAL E 100 -19.25 37.11 -31.22
CA VAL E 100 -19.84 36.20 -32.18
C VAL E 100 -19.07 36.35 -33.50
N ASP E 101 -18.97 35.27 -34.26
CA ASP E 101 -18.19 35.26 -35.48
C ASP E 101 -18.97 34.69 -36.66
N ALA E 102 -19.35 35.56 -37.58
CA ALA E 102 -19.96 35.14 -38.84
C ALA E 102 -18.82 34.68 -39.74
N GLN E 103 -19.15 33.91 -40.78
CA GLN E 103 -18.15 33.30 -41.63
C GLN E 103 -17.13 32.51 -40.82
N PRO E 104 -17.60 31.63 -39.92
CA PRO E 104 -16.64 30.87 -39.11
C PRO E 104 -16.03 29.70 -39.89
N THR E 105 -14.86 29.25 -39.49
CA THR E 105 -14.22 28.09 -40.08
C THR E 105 -14.56 26.84 -39.27
N LEU E 106 -15.17 25.87 -39.92
CA LEU E 106 -15.64 24.67 -39.26
C LEU E 106 -15.30 23.41 -40.05
N GLU E 107 -15.28 22.28 -39.36
CA GLU E 107 -14.87 21.01 -39.94
C GLU E 107 -16.07 20.32 -40.55
N LEU E 108 -15.80 19.27 -41.32
CA LEU E 108 -16.85 18.43 -41.86
C LEU E 108 -17.65 17.81 -40.71
N ALA E 109 -16.96 17.44 -39.64
CA ALA E 109 -17.59 16.83 -38.48
C ALA E 109 -18.66 17.72 -37.85
N GLN E 110 -18.32 18.96 -37.55
CA GLN E 110 -19.28 19.86 -36.93
C GLN E 110 -20.17 20.58 -37.94
N LEU E 111 -19.91 20.37 -39.23
CA LEU E 111 -20.82 20.82 -40.28
C LEU E 111 -22.08 19.95 -40.27
N PHE E 112 -21.89 18.64 -40.12
CA PHE E 112 -23.01 17.71 -39.99
C PHE E 112 -23.94 18.11 -38.87
N GLY E 113 -23.37 18.61 -37.78
CA GLY E 113 -24.14 19.04 -36.63
C GLY E 113 -25.12 20.15 -36.93
N LEU E 114 -24.78 20.99 -37.91
CA LEU E 114 -25.63 22.12 -38.29
C LEU E 114 -26.70 21.72 -39.31
N LEU E 115 -26.31 20.94 -40.30
CA LEU E 115 -27.18 20.62 -41.43
C LEU E 115 -28.03 19.38 -41.18
N LYS E 116 -29.16 19.32 -41.87
CA LYS E 116 -30.04 18.16 -41.82
C LYS E 116 -29.46 17.04 -42.68
N LYS E 117 -29.96 15.83 -42.49
CA LYS E 117 -29.46 14.67 -43.22
C LYS E 117 -29.81 14.76 -44.71
N ASP E 118 -30.92 15.41 -45.02
CA ASP E 118 -31.38 15.55 -46.40
C ASP E 118 -30.50 16.54 -47.16
N GLU E 119 -30.20 17.67 -46.53
CA GLU E 119 -29.41 18.72 -47.16
C GLU E 119 -27.97 18.27 -47.41
N LEU E 120 -27.46 17.42 -46.53
CA LEU E 120 -26.11 16.87 -46.69
C LEU E 120 -26.01 16.00 -47.94
N SER E 121 -27.11 15.35 -48.30
CA SER E 121 -27.11 14.49 -49.49
C SER E 121 -26.98 15.30 -50.77
N GLN E 122 -27.64 16.45 -50.82
CA GLN E 122 -27.60 17.33 -51.99
C GLN E 122 -26.19 17.84 -52.25
N LEU E 123 -25.53 18.31 -51.19
CA LEU E 123 -24.19 18.89 -51.32
C LEU E 123 -23.17 17.84 -51.76
N PHE E 124 -23.19 16.69 -51.11
CA PHE E 124 -22.29 15.59 -51.45
C PHE E 124 -22.98 14.58 -52.36
N ARG E 125 -23.57 15.09 -53.44
CA ARG E 125 -24.25 14.24 -54.41
C ARG E 125 -23.23 13.42 -55.20
N ASP E 126 -22.37 14.11 -55.93
CA ASP E 126 -21.36 13.45 -56.77
C ASP E 126 -19.98 13.42 -56.11
N HIS E 127 -19.95 13.63 -54.79
CA HIS E 127 -18.71 13.50 -54.03
C HIS E 127 -18.86 12.35 -53.02
N LEU E 128 -19.01 11.14 -53.56
CA LEU E 128 -19.15 9.94 -52.75
C LEU E 128 -20.38 10.01 -51.85
N GLY E 129 -21.54 9.82 -52.46
CA GLY E 129 -22.80 9.83 -51.74
C GLY E 129 -23.59 8.56 -52.01
N ARG E 130 -23.83 7.78 -50.96
CA ARG E 130 -24.57 6.54 -51.06
C ARG E 130 -25.82 6.61 -50.20
N ALA E 131 -26.68 5.59 -50.31
CA ALA E 131 -27.85 5.49 -49.45
C ALA E 131 -27.40 5.39 -48.00
N ASN E 132 -27.49 6.52 -47.31
CA ASN E 132 -26.93 6.66 -45.96
C ASN E 132 -27.31 5.55 -44.99
N LEU E 133 -26.35 5.22 -44.13
CA LEU E 133 -26.58 4.24 -43.06
C LEU E 133 -26.98 4.99 -41.79
N ARG E 134 -26.05 5.77 -41.25
CA ARG E 134 -26.28 6.55 -40.04
C ARG E 134 -25.44 7.82 -40.15
N LYS E 135 -25.88 8.88 -39.49
CA LYS E 135 -25.24 10.19 -39.60
C LYS E 135 -23.83 10.15 -39.03
N ASP E 136 -23.66 9.45 -37.91
CA ASP E 136 -22.33 9.28 -37.32
C ASP E 136 -21.45 8.39 -38.19
N ALA E 137 -22.07 7.47 -38.93
CA ALA E 137 -21.36 6.62 -39.87
C ALA E 137 -21.00 7.38 -41.16
N LEU E 138 -21.86 8.32 -41.55
CA LEU E 138 -21.60 9.15 -42.72
C LEU E 138 -20.39 10.02 -42.46
N LEU E 139 -20.25 10.48 -41.23
CA LEU E 139 -19.07 11.26 -40.84
C LEU E 139 -17.81 10.40 -40.93
N GLU E 140 -17.91 9.16 -40.44
CA GLU E 140 -16.81 8.21 -40.54
C GLU E 140 -16.43 7.93 -41.99
N ARG E 141 -17.38 8.14 -42.90
CA ARG E 141 -17.17 7.90 -44.33
C ARG E 141 -16.46 9.05 -45.04
N LEU E 142 -16.84 10.29 -44.70
CA LEU E 142 -16.25 11.47 -45.34
C LEU E 142 -15.05 12.03 -44.56
N GLN E 143 -14.40 11.19 -43.75
CA GLN E 143 -13.25 11.61 -42.98
C GLN E 143 -12.01 11.86 -43.86
N PRO E 144 -11.65 10.89 -44.72
CA PRO E 144 -10.41 11.04 -45.47
C PRO E 144 -10.54 11.92 -46.71
N LEU E 145 -11.77 12.13 -47.17
CA LEU E 145 -12.01 12.94 -48.37
C LEU E 145 -11.90 14.43 -48.09
N PHE E 146 -12.65 14.87 -47.07
CA PHE E 146 -12.66 16.26 -46.69
C PHE E 146 -12.15 16.42 -45.26
N PRO E 147 -10.85 16.14 -45.06
CA PRO E 147 -10.27 16.22 -43.71
C PRO E 147 -10.15 17.65 -43.22
N GLU E 148 -9.68 18.54 -44.10
CA GLU E 148 -9.47 19.94 -43.73
C GLU E 148 -10.79 20.66 -43.53
N ALA E 149 -10.75 21.69 -42.70
CA ALA E 149 -11.93 22.50 -42.41
C ALA E 149 -12.02 23.65 -43.41
N ARG E 150 -13.20 24.23 -43.52
CA ARG E 150 -13.42 25.38 -44.40
C ARG E 150 -14.50 26.28 -43.83
N ARG E 151 -14.72 27.43 -44.47
CA ARG E 151 -15.86 28.27 -44.15
C ARG E 151 -17.10 27.65 -44.78
N LEU E 152 -18.27 28.11 -44.38
CA LEU E 152 -19.52 27.62 -44.96
C LEU E 152 -19.52 27.91 -46.45
N ALA E 153 -19.05 29.11 -46.81
CA ALA E 153 -18.99 29.51 -48.22
C ALA E 153 -18.10 28.58 -49.05
N GLU E 154 -17.16 27.90 -48.41
CA GLU E 154 -16.26 27.00 -49.10
C GLU E 154 -16.82 25.57 -49.25
N TRP E 155 -17.78 25.21 -48.41
CA TRP E 155 -18.48 23.93 -48.55
C TRP E 155 -19.58 24.08 -49.58
N GLN E 156 -20.58 24.91 -49.25
CA GLN E 156 -21.67 25.24 -50.15
C GLN E 156 -21.75 26.75 -50.26
N ALA E 157 -21.01 27.30 -51.21
CA ALA E 157 -20.98 28.74 -51.45
C ALA E 157 -22.38 29.27 -51.72
N ASP E 158 -23.19 28.44 -52.36
CA ASP E 158 -24.57 28.78 -52.70
C ASP E 158 -25.50 28.91 -51.49
N PHE E 159 -25.10 28.34 -50.36
CA PHE E 159 -25.94 28.27 -49.17
C PHE E 159 -26.41 29.66 -48.73
N ALA E 160 -27.67 29.75 -48.35
CA ALA E 160 -28.31 31.04 -48.07
C ALA E 160 -28.06 31.52 -46.63
N GLU E 161 -28.50 30.73 -45.66
CA GLU E 161 -28.46 31.15 -44.26
C GLU E 161 -27.03 31.40 -43.77
N PRO E 162 -26.86 32.37 -42.85
CA PRO E 162 -25.56 32.58 -42.19
C PRO E 162 -25.46 31.77 -40.90
N VAL E 163 -24.23 31.42 -40.51
CA VAL E 163 -24.00 30.65 -39.28
C VAL E 163 -23.12 31.45 -38.32
N TYR E 164 -23.58 31.58 -37.09
CA TYR E 164 -22.86 32.33 -36.06
C TYR E 164 -22.14 31.38 -35.10
N GLU E 165 -20.85 31.64 -34.90
CA GLU E 165 -20.04 30.87 -33.96
C GLU E 165 -19.78 31.71 -32.71
N LEU E 166 -19.97 31.10 -31.54
CA LEU E 166 -19.75 31.78 -30.28
C LEU E 166 -18.29 31.67 -29.85
N ARG E 167 -17.59 32.81 -29.88
CA ARG E 167 -16.17 32.85 -29.59
C ARG E 167 -15.83 32.97 -28.09
N CYS E 168 -16.81 33.36 -27.28
CA CYS E 168 -16.56 33.64 -25.88
C CYS E 168 -17.14 32.59 -24.93
N MET E 169 -17.21 31.34 -25.40
CA MET E 169 -17.71 30.26 -24.56
C MET E 169 -16.77 29.98 -23.40
N ALA E 170 -15.47 29.97 -23.70
CA ALA E 170 -14.46 29.72 -22.68
C ALA E 170 -14.59 30.74 -21.55
N LEU E 171 -14.83 32.00 -21.94
CA LEU E 171 -15.03 33.06 -20.96
C LEU E 171 -16.29 32.79 -20.15
N CYS E 172 -17.37 32.40 -20.82
CA CYS E 172 -18.65 32.19 -20.16
C CYS E 172 -18.60 31.08 -19.10
N ASP E 173 -18.06 29.92 -19.47
CA ASP E 173 -18.01 28.78 -18.57
C ASP E 173 -17.14 29.05 -17.34
N ARG E 174 -16.23 30.03 -17.43
CA ARG E 174 -15.43 30.43 -16.27
C ARG E 174 -16.30 31.11 -15.23
N LEU E 175 -17.22 31.97 -15.69
CA LEU E 175 -18.11 32.67 -14.77
C LEU E 175 -19.12 31.70 -14.16
N ARG E 176 -19.52 30.70 -14.94
CA ARG E 176 -20.43 29.68 -14.43
C ARG E 176 -19.74 28.84 -13.36
N LEU E 177 -18.50 28.43 -13.62
CA LEU E 177 -17.75 27.63 -12.67
C LEU E 177 -17.43 28.40 -11.39
N MET E 178 -17.35 29.73 -11.49
CA MET E 178 -17.08 30.57 -10.32
C MET E 178 -18.34 30.82 -9.49
N TYR E 179 -19.48 30.99 -10.16
CA TYR E 179 -20.74 31.19 -9.45
C TYR E 179 -21.05 29.95 -8.63
N PHE E 180 -21.11 28.81 -9.29
CA PHE E 180 -21.26 27.53 -8.60
C PHE E 180 -19.89 27.12 -8.07
N GLY E 181 -19.79 25.90 -7.55
CA GLY E 181 -18.50 25.31 -7.19
C GLY E 181 -18.18 24.17 -8.14
N ASN E 182 -18.72 24.25 -9.36
CA ASN E 182 -18.64 23.14 -10.30
C ASN E 182 -19.21 23.53 -11.65
N LEU E 183 -19.21 22.60 -12.60
CA LEU E 183 -19.77 22.82 -13.94
C LEU E 183 -21.01 21.98 -14.23
N TRP E 184 -21.33 21.02 -13.37
CA TRP E 184 -22.44 20.11 -13.65
C TRP E 184 -23.77 20.85 -13.68
N GLN E 185 -23.90 21.87 -12.84
CA GLN E 185 -25.09 22.72 -12.84
C GLN E 185 -25.00 23.73 -13.96
N ASP E 186 -26.15 24.03 -14.58
CA ASP E 186 -26.21 25.02 -15.66
C ASP E 186 -27.23 26.10 -15.31
N TRP E 187 -27.40 27.05 -16.22
CA TRP E 187 -28.24 28.23 -15.97
C TRP E 187 -29.72 27.90 -15.75
N SER E 188 -30.13 26.67 -16.06
CA SER E 188 -31.49 26.23 -15.78
C SER E 188 -31.83 26.24 -14.29
N GLU E 189 -30.81 26.18 -13.44
CA GLU E 189 -31.00 26.18 -11.99
C GLU E 189 -31.85 27.37 -11.53
N PHE E 190 -31.68 28.51 -12.19
CA PHE E 190 -32.40 29.72 -11.82
C PHE E 190 -33.88 29.57 -12.14
N VAL E 191 -34.17 29.02 -13.31
CA VAL E 191 -35.54 28.85 -13.77
C VAL E 191 -36.26 27.85 -12.87
N LEU E 192 -35.64 26.69 -12.68
CA LEU E 192 -36.22 25.63 -11.87
C LEU E 192 -36.42 26.10 -10.42
N ALA E 193 -35.63 27.07 -9.99
CA ALA E 193 -35.78 27.65 -8.66
C ALA E 193 -36.92 28.65 -8.59
N ASP E 194 -36.96 29.58 -9.54
CA ASP E 194 -37.98 30.62 -9.57
C ASP E 194 -39.38 30.02 -9.78
N LEU E 195 -39.44 28.89 -10.47
CA LEU E 195 -40.71 28.22 -10.72
C LEU E 195 -41.15 27.35 -9.53
N GLY E 196 -40.30 27.22 -8.52
CA GLY E 196 -40.66 26.49 -7.32
C GLY E 196 -40.47 24.99 -7.43
N ILE E 197 -39.88 24.53 -8.53
CA ILE E 197 -39.66 23.12 -8.76
C ILE E 197 -38.51 22.64 -7.87
N TYR E 198 -37.50 23.48 -7.71
CA TYR E 198 -36.39 23.24 -6.81
C TYR E 198 -36.33 24.32 -5.75
N ARG E 199 -36.71 23.97 -4.52
CA ARG E 199 -36.68 24.89 -3.39
C ARG E 199 -35.49 24.56 -2.50
N TYR E 200 -34.66 25.56 -2.22
CA TYR E 200 -33.42 25.35 -1.48
C TYR E 200 -33.48 25.98 -0.10
N GLU E 201 -32.78 25.38 0.86
CA GLU E 201 -32.64 25.95 2.19
C GLU E 201 -31.83 27.22 2.08
N SER E 202 -32.42 28.34 2.50
CA SER E 202 -31.74 29.63 2.43
C SER E 202 -30.67 29.71 3.52
N VAL E 203 -29.58 28.96 3.32
CA VAL E 203 -28.45 29.02 4.23
C VAL E 203 -27.88 30.44 4.20
N GLU E 204 -27.47 30.93 5.36
CA GLU E 204 -27.06 32.33 5.48
C GLU E 204 -25.72 32.57 4.78
N PHE E 205 -25.51 33.80 4.35
CA PHE E 205 -24.29 34.17 3.64
C PHE E 205 -23.13 34.22 4.64
N SER E 206 -22.75 33.06 5.16
CA SER E 206 -21.76 32.99 6.24
C SER E 206 -20.34 33.00 5.66
N ALA E 207 -19.93 31.90 5.04
CA ALA E 207 -18.66 31.88 4.33
C ALA E 207 -18.88 32.60 3.02
N ASP E 208 -18.59 33.90 3.02
CA ASP E 208 -18.91 34.76 1.89
C ASP E 208 -18.33 34.21 0.59
N SER E 209 -17.18 33.57 0.67
CA SER E 209 -16.56 33.00 -0.52
C SER E 209 -15.55 31.90 -0.22
N ARG E 210 -15.97 30.65 -0.43
CA ARG E 210 -15.04 29.55 -0.60
C ARG E 210 -15.25 28.96 -1.99
N GLY E 211 -15.62 29.82 -2.95
CA GLY E 211 -15.76 29.38 -4.32
C GLY E 211 -14.41 28.88 -4.78
N PHE E 212 -13.41 29.74 -4.68
CA PHE E 212 -12.03 29.38 -4.96
C PHE E 212 -11.08 30.31 -4.24
N ARG E 213 -9.87 29.82 -3.97
CA ARG E 213 -8.85 30.65 -3.35
C ARG E 213 -8.32 31.66 -4.37
N LEU E 214 -7.56 31.18 -5.35
CA LEU E 214 -7.06 32.01 -6.43
C LEU E 214 -7.44 31.42 -7.78
N ARG E 215 -7.13 32.15 -8.85
CA ARG E 215 -7.38 31.66 -10.22
C ARG E 215 -6.72 30.32 -10.49
N ALA E 216 -5.60 30.06 -9.82
CA ALA E 216 -4.86 28.82 -9.99
C ALA E 216 -5.76 27.59 -9.79
N ASP E 217 -6.69 27.69 -8.86
CA ASP E 217 -7.64 26.61 -8.61
C ASP E 217 -8.64 26.45 -9.75
N VAL E 218 -8.98 27.54 -10.41
CA VAL E 218 -9.93 27.50 -11.52
C VAL E 218 -9.31 26.81 -12.74
N ASP E 219 -8.14 27.27 -13.17
CA ASP E 219 -7.45 26.68 -14.31
C ASP E 219 -7.19 25.19 -14.10
N ALA E 220 -7.00 24.81 -12.83
CA ALA E 220 -6.80 23.40 -12.50
C ALA E 220 -8.07 22.61 -12.78
N TYR E 221 -9.19 23.08 -12.24
CA TYR E 221 -10.48 22.47 -12.48
C TYR E 221 -10.80 22.42 -13.97
N LEU E 222 -10.42 23.48 -14.69
CA LEU E 222 -10.80 23.63 -16.09
C LEU E 222 -10.00 22.70 -17.00
N HIS E 223 -8.71 22.55 -16.72
CA HIS E 223 -7.84 21.72 -17.55
C HIS E 223 -8.11 20.23 -17.31
N LEU E 224 -8.47 19.88 -16.07
CA LEU E 224 -8.88 18.52 -15.77
C LEU E 224 -10.15 18.17 -16.55
N PHE E 225 -11.07 19.13 -16.62
CA PHE E 225 -12.31 18.94 -17.35
C PHE E 225 -12.03 18.74 -18.84
N ASP E 226 -11.00 19.40 -19.35
CA ASP E 226 -10.64 19.28 -20.77
C ASP E 226 -10.15 17.87 -21.11
N CYS E 227 -9.45 17.23 -20.18
CA CYS E 227 -9.02 15.85 -20.36
C CYS E 227 -10.22 14.92 -20.39
N ARG E 228 -11.16 15.16 -19.47
CA ARG E 228 -12.40 14.40 -19.40
C ARG E 228 -13.16 14.58 -20.72
N GLN E 229 -13.20 15.82 -21.20
CA GLN E 229 -13.87 16.13 -22.45
C GLN E 229 -13.20 15.41 -23.61
N ARG E 230 -11.87 15.36 -23.57
CA ARG E 230 -11.09 14.70 -24.61
C ARG E 230 -11.00 13.18 -24.42
N PHE E 231 -11.67 12.64 -23.41
CA PHE E 231 -11.69 11.20 -23.18
C PHE E 231 -12.91 10.55 -23.81
N ASP E 232 -14.10 11.07 -23.46
CA ASP E 232 -15.34 10.60 -24.08
C ASP E 232 -15.25 10.83 -25.58
N LEU E 233 -14.81 12.02 -25.97
CA LEU E 233 -14.42 12.28 -27.34
C LEU E 233 -13.15 11.48 -27.59
N GLY E 234 -13.29 10.33 -28.23
CA GLY E 234 -12.21 9.36 -28.39
C GLY E 234 -10.83 9.95 -28.68
N GLU E 235 -9.90 9.72 -27.74
CA GLU E 235 -8.52 10.15 -27.91
C GLU E 235 -7.64 9.17 -27.13
N PRO E 236 -6.50 8.74 -27.72
CA PRO E 236 -5.69 7.71 -27.05
C PRO E 236 -5.13 8.16 -25.70
N LEU E 237 -4.79 7.17 -24.87
CA LEU E 237 -4.31 7.45 -23.52
C LEU E 237 -3.00 8.23 -23.51
N GLU E 238 -2.12 7.90 -24.44
CA GLU E 238 -0.80 8.53 -24.51
C GLU E 238 -0.92 10.04 -24.78
N GLU E 239 -2.04 10.45 -25.37
CA GLU E 239 -2.29 11.87 -25.62
C GLU E 239 -2.84 12.58 -24.38
N LEU E 240 -3.73 11.91 -23.65
CA LEU E 240 -4.39 12.52 -22.51
C LEU E 240 -3.52 12.53 -21.25
N LEU E 241 -2.62 11.57 -21.14
CA LEU E 241 -1.70 11.51 -20.00
C LEU E 241 -0.52 12.47 -20.14
N ALA E 242 -0.27 12.94 -21.36
CA ALA E 242 0.83 13.87 -21.62
C ALA E 242 0.65 15.17 -20.85
N GLY E 243 -0.58 15.65 -20.78
CA GLY E 243 -0.89 16.89 -20.08
C GLY E 243 -1.18 16.70 -18.60
N LEU E 244 -1.51 15.48 -18.19
CA LEU E 244 -1.83 15.22 -16.79
C LEU E 244 -0.58 15.24 -15.91
N PRO E 245 -0.77 15.37 -14.58
CA PRO E 245 0.37 15.38 -13.66
C PRO E 245 0.58 14.05 -12.95
N GLY E 246 1.80 13.82 -12.48
CA GLY E 246 2.10 12.72 -11.59
C GLY E 246 2.05 13.17 -10.13
N GLU E 247 2.19 14.47 -9.91
CA GLU E 247 2.13 15.04 -8.56
C GLU E 247 0.68 15.30 -8.16
N PRO E 248 0.30 14.96 -6.92
CA PRO E 248 -1.08 15.26 -6.50
C PRO E 248 -1.36 16.76 -6.36
N TYR E 249 -2.58 17.10 -5.95
CA TYR E 249 -2.97 18.50 -5.74
C TYR E 249 -2.95 18.86 -4.26
N ALA E 250 -3.05 20.16 -3.98
CA ALA E 250 -3.07 20.67 -2.62
C ALA E 250 -4.51 20.86 -2.15
N ASN E 251 -5.30 21.55 -2.97
CA ASN E 251 -6.70 21.79 -2.66
C ASN E 251 -7.44 20.45 -2.50
N PRO E 252 -8.04 20.20 -1.32
CA PRO E 252 -8.65 18.89 -1.02
C PRO E 252 -9.61 18.35 -2.08
N TRP E 253 -10.73 19.03 -2.32
CA TRP E 253 -11.73 18.51 -3.24
C TRP E 253 -11.30 18.52 -4.70
N LEU E 254 -10.20 19.22 -4.99
CA LEU E 254 -9.64 19.26 -6.33
C LEU E 254 -8.80 18.02 -6.56
N GLU E 255 -8.00 17.66 -5.56
CA GLU E 255 -7.23 16.42 -5.59
C GLU E 255 -8.17 15.23 -5.75
N GLY E 256 -9.31 15.32 -5.08
CA GLY E 256 -10.30 14.25 -5.13
C GLY E 256 -10.84 14.00 -6.53
N ARG E 257 -10.97 15.06 -7.33
CA ARG E 257 -11.50 14.89 -8.68
C ARG E 257 -10.45 14.35 -9.64
N ARG E 258 -9.23 14.86 -9.56
CA ARG E 258 -8.13 14.34 -10.37
C ARG E 258 -8.04 12.84 -10.14
N VAL E 259 -8.08 12.46 -8.87
CA VAL E 259 -8.08 11.07 -8.47
C VAL E 259 -9.28 10.34 -9.08
N LYS E 260 -10.46 10.93 -8.95
CA LYS E 260 -11.68 10.34 -9.50
C LYS E 260 -11.63 10.23 -11.02
N LEU E 261 -10.85 11.10 -11.66
CA LEU E 261 -10.68 11.04 -13.11
C LEU E 261 -9.80 9.85 -13.46
N LEU E 262 -8.71 9.69 -12.74
CA LEU E 262 -7.82 8.55 -12.95
C LEU E 262 -8.57 7.24 -12.78
N PHE E 263 -9.58 7.22 -11.91
CA PHE E 263 -10.39 6.03 -11.71
C PHE E 263 -11.18 5.68 -12.97
N GLN E 264 -11.97 6.63 -13.45
CA GLN E 264 -12.78 6.44 -14.66
C GLN E 264 -11.90 6.10 -15.85
N PHE E 265 -10.67 6.59 -15.83
CA PHE E 265 -9.69 6.28 -16.87
C PHE E 265 -9.28 4.81 -16.79
N ALA E 266 -8.97 4.36 -15.59
CA ALA E 266 -8.54 2.98 -15.37
C ALA E 266 -9.65 1.99 -15.75
N GLN E 267 -10.90 2.42 -15.63
CA GLN E 267 -12.04 1.56 -16.00
C GLN E 267 -12.00 1.19 -17.48
N HIS E 268 -11.62 2.15 -18.32
CA HIS E 268 -11.53 1.91 -19.76
C HIS E 268 -10.38 0.96 -20.08
N CYS E 269 -9.30 1.06 -19.31
CA CYS E 269 -8.15 0.18 -19.47
C CYS E 269 -8.48 -1.25 -19.06
N GLU E 270 -9.58 -1.43 -18.33
CA GLU E 270 -10.07 -2.76 -17.96
C GLU E 270 -11.27 -3.20 -18.79
N LYS E 271 -12.05 -2.24 -19.27
CA LYS E 271 -13.19 -2.53 -20.15
C LYS E 271 -12.64 -3.16 -21.42
N GLN E 272 -11.67 -2.49 -22.04
CA GLN E 272 -10.84 -3.11 -23.05
C GLN E 272 -9.74 -3.88 -22.31
N ARG E 273 -9.17 -4.88 -22.98
CA ARG E 273 -8.24 -5.78 -22.30
C ARG E 273 -6.81 -5.26 -22.33
N ASP E 274 -6.49 -4.42 -21.36
CA ASP E 274 -5.12 -3.97 -21.13
C ASP E 274 -4.95 -3.77 -19.63
N PHE E 275 -4.86 -4.88 -18.91
CA PHE E 275 -4.92 -4.89 -17.45
C PHE E 275 -3.62 -4.37 -16.82
N ASP E 276 -2.53 -4.38 -17.58
CA ASP E 276 -1.26 -3.86 -17.09
C ASP E 276 -1.38 -2.37 -16.76
N LEU E 277 -2.06 -1.63 -17.63
CA LEU E 277 -2.22 -0.20 -17.45
C LEU E 277 -3.25 0.11 -16.38
N ALA E 278 -4.44 -0.48 -16.50
CA ALA E 278 -5.51 -0.29 -15.52
C ALA E 278 -4.98 -0.49 -14.11
N GLN E 279 -4.23 -1.57 -13.95
CA GLN E 279 -3.69 -1.94 -12.64
C GLN E 279 -2.72 -0.90 -12.13
N ARG E 280 -1.74 -0.55 -12.95
CA ARG E 280 -0.73 0.43 -12.56
C ARG E 280 -1.36 1.78 -12.27
N LEU E 281 -2.51 2.05 -12.89
CA LEU E 281 -3.19 3.33 -12.73
C LEU E 281 -4.01 3.38 -11.43
N TYR E 282 -4.76 2.32 -11.15
CA TYR E 282 -5.62 2.27 -9.96
C TYR E 282 -4.87 2.58 -8.67
N ARG E 283 -3.58 2.24 -8.63
CA ARG E 283 -2.78 2.48 -7.45
C ARG E 283 -2.37 3.94 -7.31
N GLN E 284 -2.30 4.66 -8.42
CA GLN E 284 -1.98 6.08 -8.39
C GLN E 284 -3.13 6.95 -7.89
N SER E 285 -4.34 6.37 -7.83
CA SER E 285 -5.52 7.10 -7.38
C SER E 285 -5.91 6.71 -5.96
N SER E 286 -6.17 7.71 -5.12
CA SER E 286 -6.74 7.50 -3.79
C SER E 286 -8.27 7.54 -3.78
N HIS E 287 -8.90 7.03 -4.84
CA HIS E 287 -10.35 7.02 -4.94
C HIS E 287 -10.91 5.85 -4.13
N PRO E 288 -12.09 6.02 -3.52
CA PRO E 288 -12.68 4.88 -2.81
C PRO E 288 -12.93 3.67 -3.71
N GLY E 289 -12.43 2.51 -3.30
CA GLY E 289 -12.60 1.28 -4.05
C GLY E 289 -11.62 1.11 -5.20
N ALA E 290 -10.64 2.02 -5.33
CA ALA E 290 -9.65 1.91 -6.39
C ALA E 290 -8.59 0.89 -6.03
N ARG E 291 -8.23 0.84 -4.76
CA ARG E 291 -7.30 -0.16 -4.26
C ARG E 291 -7.79 -1.56 -4.60
N LEU E 292 -9.10 -1.77 -4.47
CA LEU E 292 -9.69 -3.08 -4.74
C LEU E 292 -9.50 -3.45 -6.20
N ARG E 293 -9.85 -2.51 -7.09
CA ARG E 293 -9.79 -2.76 -8.53
C ARG E 293 -8.36 -2.99 -9.01
N ALA E 294 -7.38 -2.47 -8.27
CA ALA E 294 -5.99 -2.75 -8.56
C ALA E 294 -5.68 -4.23 -8.33
N ILE E 295 -6.28 -4.80 -7.29
CA ILE E 295 -6.08 -6.22 -6.97
C ILE E 295 -6.78 -7.09 -8.00
N ARG E 296 -8.03 -6.78 -8.30
CA ARG E 296 -8.80 -7.54 -9.28
C ARG E 296 -8.23 -7.41 -10.69
N SER E 297 -7.42 -6.38 -10.92
CA SER E 297 -6.74 -6.21 -12.20
C SER E 297 -5.51 -7.11 -12.27
N LEU E 298 -4.77 -7.19 -11.17
CA LEU E 298 -3.63 -8.11 -11.09
C LEU E 298 -4.10 -9.55 -11.22
N GLU E 299 -5.19 -9.86 -10.53
CA GLU E 299 -5.82 -11.17 -10.58
C GLU E 299 -6.10 -11.56 -12.03
N ARG E 300 -6.54 -10.59 -12.83
CA ARG E 300 -6.87 -10.81 -14.23
C ARG E 300 -5.68 -10.52 -15.16
N GLY E 301 -4.46 -10.70 -14.65
CA GLY E 301 -3.28 -10.61 -15.48
C GLY E 301 -2.27 -11.69 -15.15
N GLU E 302 -2.74 -12.76 -14.49
CA GLU E 302 -1.85 -13.82 -14.01
C GLU E 302 -0.71 -13.26 -13.17
N ARG E 303 -1.03 -12.27 -12.35
CA ARG E 303 -0.06 -11.65 -11.45
C ARG E 303 -0.44 -11.94 -10.00
N PHE E 304 -0.63 -13.21 -9.69
CA PHE E 304 -1.10 -13.63 -8.37
C PHE E 304 -0.10 -13.24 -7.28
N ALA E 305 1.18 -13.23 -7.63
CA ALA E 305 2.24 -12.92 -6.68
C ALA E 305 2.06 -11.53 -6.07
N GLU E 306 2.16 -10.50 -6.91
CA GLU E 306 2.00 -9.13 -6.47
C GLU E 306 0.54 -8.78 -6.14
N ALA E 307 -0.40 -9.62 -6.58
CA ALA E 307 -1.80 -9.47 -6.19
C ALA E 307 -1.97 -9.78 -4.71
N HIS E 308 -1.25 -10.79 -4.23
CA HIS E 308 -1.34 -11.20 -2.84
C HIS E 308 -0.59 -10.23 -1.92
N ALA E 309 0.57 -9.78 -2.37
CA ALA E 309 1.38 -8.85 -1.59
C ALA E 309 0.66 -7.52 -1.39
N LEU E 310 -0.06 -7.08 -2.41
CA LEU E 310 -0.88 -5.88 -2.30
C LEU E 310 -2.10 -6.15 -1.43
N ALA E 311 -2.75 -7.28 -1.69
CA ALA E 311 -3.93 -7.68 -0.93
C ALA E 311 -3.62 -7.77 0.56
N ARG E 312 -2.37 -8.10 0.89
CA ARG E 312 -1.94 -8.16 2.28
C ARG E 312 -1.98 -6.77 2.91
N GLU E 313 -1.42 -5.79 2.21
CA GLU E 313 -1.40 -4.42 2.68
C GLU E 313 -2.82 -3.91 2.97
N ALA E 314 -3.79 -4.43 2.22
CA ALA E 314 -5.19 -4.10 2.42
C ALA E 314 -5.78 -4.86 3.60
N SER E 315 -5.40 -6.13 3.72
CA SER E 315 -5.88 -6.98 4.81
C SER E 315 -5.43 -6.43 6.16
N CYS E 316 -4.20 -5.93 6.22
CA CYS E 316 -3.64 -5.38 7.44
C CYS E 316 -4.31 -4.06 7.83
N ALA E 317 -4.78 -3.32 6.83
CA ALA E 317 -5.43 -2.04 7.06
C ALA E 317 -6.42 -1.72 5.95
N PRO E 318 -7.67 -2.19 6.09
CA PRO E 318 -8.73 -1.98 5.08
C PRO E 318 -9.02 -0.51 4.78
N GLU E 319 -9.94 -0.31 3.84
CA GLU E 319 -10.32 1.02 3.36
C GLU E 319 -11.72 1.45 3.81
N SER E 320 -12.60 0.48 4.04
CA SER E 320 -13.98 0.75 4.44
C SER E 320 -14.63 -0.59 4.74
N ASP E 321 -15.88 -0.56 5.20
CA ASP E 321 -16.62 -1.80 5.43
C ASP E 321 -16.82 -2.58 4.13
N ALA E 322 -16.91 -1.86 3.02
CA ALA E 322 -17.09 -2.49 1.72
C ALA E 322 -15.81 -3.16 1.23
N GLU E 323 -14.68 -2.52 1.46
CA GLU E 323 -13.38 -3.09 1.09
C GLU E 323 -13.17 -4.41 1.80
N ARG E 324 -13.52 -4.47 3.09
CA ARG E 324 -13.38 -5.68 3.89
C ARG E 324 -14.11 -6.84 3.23
N GLN E 325 -15.26 -6.56 2.63
CA GLN E 325 -16.05 -7.57 1.96
C GLN E 325 -15.33 -8.13 0.74
N GLY E 326 -14.65 -7.25 0.00
CA GLY E 326 -13.94 -7.65 -1.20
C GLY E 326 -12.73 -8.53 -0.91
N LEU E 327 -12.06 -8.28 0.20
CA LEU E 327 -10.87 -9.04 0.57
C LEU E 327 -11.23 -10.49 0.90
N ALA E 328 -12.33 -10.71 1.59
CA ALA E 328 -12.80 -12.05 1.92
C ALA E 328 -12.97 -12.88 0.65
N ARG E 329 -13.36 -12.22 -0.43
CA ARG E 329 -13.55 -12.90 -1.71
C ARG E 329 -12.20 -13.18 -2.36
N LEU E 330 -11.39 -12.13 -2.48
CA LEU E 330 -10.16 -12.19 -3.27
C LEU E 330 -9.04 -13.00 -2.64
N LEU E 331 -8.92 -12.97 -1.33
CA LEU E 331 -7.77 -13.59 -0.67
C LEU E 331 -7.71 -15.11 -0.85
N PRO E 332 -8.82 -15.82 -0.57
CA PRO E 332 -8.79 -17.27 -0.80
C PRO E 332 -8.44 -17.66 -2.23
N ARG E 333 -8.85 -16.85 -3.20
CA ARG E 333 -8.59 -17.13 -4.61
C ARG E 333 -7.12 -16.94 -4.96
N LEU E 334 -6.50 -15.91 -4.38
CA LEU E 334 -5.09 -15.65 -4.61
C LEU E 334 -4.23 -16.64 -3.82
N GLN E 335 -4.51 -16.73 -2.53
CA GLN E 335 -3.85 -17.68 -1.64
C GLN E 335 -3.93 -19.10 -2.20
N GLY E 336 -5.04 -19.42 -2.85
CA GLY E 336 -5.23 -20.73 -3.45
C GLY E 336 -4.35 -20.95 -4.67
N LYS E 337 -4.40 -20.02 -5.60
CA LYS E 337 -3.61 -20.12 -6.82
C LYS E 337 -2.12 -19.85 -6.57
N LEU E 338 -1.80 -19.34 -5.38
CA LEU E 338 -0.42 -19.28 -4.92
C LEU E 338 -0.16 -20.51 -4.07
N GLY E 339 1.10 -20.72 -3.71
CA GLY E 339 1.47 -21.84 -2.87
C GLY E 339 0.97 -21.74 -1.43
N LEU E 340 0.42 -20.59 -1.07
CA LEU E 340 -0.06 -20.36 0.29
C LEU E 340 -1.28 -21.21 0.62
N PRO E 341 -1.60 -21.33 1.92
CA PRO E 341 -2.82 -22.06 2.33
C PRO E 341 -4.06 -21.21 2.21
N ARG E 342 -5.18 -21.82 1.82
CA ARG E 342 -6.44 -21.10 1.66
C ARG E 342 -7.04 -20.75 3.01
N GLN E 343 -6.77 -19.52 3.47
CA GLN E 343 -7.31 -19.06 4.75
C GLN E 343 -8.83 -18.97 4.66
N ALA E 344 -9.51 -19.44 5.70
CA ALA E 344 -10.96 -19.50 5.71
C ALA E 344 -11.60 -18.09 5.72
N ARG E 345 -12.82 -18.02 5.21
CA ARG E 345 -13.58 -16.77 5.17
C ARG E 345 -14.92 -16.96 5.88
N ALA E 346 -15.70 -15.89 5.97
CA ALA E 346 -16.97 -15.91 6.70
C ALA E 346 -18.17 -15.89 5.76
N ALA E 347 -19.34 -16.18 6.32
CA ALA E 347 -20.60 -16.15 5.57
C ALA E 347 -21.71 -15.67 6.49
N ALA E 348 -22.81 -15.23 5.90
CA ALA E 348 -23.93 -14.66 6.65
C ALA E 348 -25.07 -15.66 6.77
N PRO E 349 -25.69 -15.77 7.96
CA PRO E 349 -26.84 -16.66 8.13
C PRO E 349 -28.13 -16.00 7.62
N GLU E 350 -28.80 -16.67 6.69
CA GLU E 350 -30.05 -16.13 6.15
C GLU E 350 -31.10 -15.92 7.24
N ILE E 351 -31.28 -14.66 7.63
CA ILE E 351 -32.15 -14.32 8.75
C ILE E 351 -33.62 -14.32 8.33
N ASP E 352 -34.42 -15.10 9.04
CA ASP E 352 -35.87 -15.15 8.84
C ASP E 352 -36.24 -15.31 7.37
N ARG E 353 -35.44 -16.08 6.64
CA ARG E 353 -35.65 -16.26 5.20
C ARG E 353 -37.03 -16.83 4.89
N LEU E 354 -37.97 -15.95 4.62
CA LEU E 354 -39.34 -16.33 4.29
C LEU E 354 -39.43 -16.56 2.78
N ASP E 355 -40.30 -17.47 2.35
CA ASP E 355 -40.49 -17.75 0.92
C ASP E 355 -41.97 -17.86 0.59
N LEU E 356 -42.33 -17.56 -0.66
CA LEU E 356 -43.71 -17.64 -1.12
C LEU E 356 -43.78 -17.68 -2.64
N CYS E 357 -44.52 -18.65 -3.18
CA CYS E 357 -44.63 -18.84 -4.63
C CYS E 357 -46.05 -18.52 -5.13
N LEU E 358 -46.20 -17.35 -5.73
CA LEU E 358 -47.49 -16.92 -6.31
C LEU E 358 -47.39 -16.86 -7.83
N ALA E 359 -48.17 -17.70 -8.51
CA ALA E 359 -48.11 -17.80 -9.96
C ALA E 359 -49.26 -17.05 -10.63
N PHE E 360 -48.93 -16.28 -11.66
CA PHE E 360 -49.95 -15.59 -12.47
C PHE E 360 -49.38 -15.24 -13.84
N PRO E 361 -50.25 -15.03 -14.84
CA PRO E 361 -49.77 -14.90 -16.23
C PRO E 361 -49.49 -13.48 -16.74
N SER E 362 -50.50 -12.62 -16.76
CA SER E 362 -50.46 -11.41 -17.59
C SER E 362 -49.84 -10.16 -16.93
N GLU E 363 -50.52 -9.62 -15.92
CA GLU E 363 -50.24 -8.28 -15.39
C GLU E 363 -48.75 -7.98 -15.18
N PRO E 364 -48.23 -6.91 -15.81
CA PRO E 364 -46.82 -6.52 -15.67
C PRO E 364 -46.59 -5.45 -14.60
N CYS E 365 -47.24 -5.59 -13.45
CA CYS E 365 -47.10 -4.62 -12.39
C CYS E 365 -45.75 -4.84 -11.72
N SER E 366 -45.24 -3.82 -11.03
CA SER E 366 -43.95 -3.93 -10.37
C SER E 366 -43.96 -5.03 -9.31
N VAL E 367 -42.86 -5.78 -9.23
CA VAL E 367 -42.74 -6.92 -8.33
C VAL E 367 -42.86 -6.45 -6.88
N GLU E 368 -42.06 -5.45 -6.54
CA GLU E 368 -42.02 -4.93 -5.17
C GLU E 368 -43.37 -4.32 -4.80
N TRP E 369 -44.05 -3.75 -5.80
CA TRP E 369 -45.37 -3.16 -5.60
C TRP E 369 -46.41 -4.24 -5.29
N ALA E 370 -46.24 -5.41 -5.88
CA ALA E 370 -47.16 -6.52 -5.68
C ALA E 370 -47.02 -7.14 -4.28
N VAL E 371 -45.78 -7.21 -3.80
CA VAL E 371 -45.53 -7.79 -2.48
C VAL E 371 -46.17 -6.90 -1.41
N ARG E 372 -46.08 -5.58 -1.59
CA ARG E 372 -46.71 -4.63 -0.70
C ARG E 372 -48.20 -4.93 -0.57
N GLU E 373 -48.81 -5.34 -1.68
CA GLU E 373 -50.23 -5.65 -1.72
C GLU E 373 -50.57 -6.88 -0.88
N HIS E 374 -49.68 -7.86 -0.88
CA HIS E 374 -49.95 -9.13 -0.21
C HIS E 374 -49.79 -9.03 1.30
N LEU E 375 -48.69 -8.44 1.75
CA LEU E 375 -48.43 -8.28 3.19
C LEU E 375 -49.45 -7.38 3.89
N GLU E 376 -50.23 -6.63 3.10
CA GLU E 376 -51.28 -5.79 3.66
C GLU E 376 -52.25 -6.61 4.52
N GLU E 377 -52.50 -6.12 5.73
CA GLU E 377 -53.42 -6.76 6.67
C GLU E 377 -54.18 -5.69 7.41
N PRO E 378 -55.28 -6.07 8.10
CA PRO E 378 -55.96 -5.07 8.92
C PRO E 378 -55.17 -4.63 10.15
N GLY E 379 -54.11 -5.37 10.49
CA GLY E 379 -53.31 -5.07 11.67
C GLY E 379 -51.96 -4.43 11.38
N CYS E 380 -51.49 -4.52 10.13
CA CYS E 380 -50.17 -3.99 9.78
C CYS E 380 -50.10 -3.56 8.31
N ALA E 381 -49.46 -2.42 8.07
CA ALA E 381 -49.26 -1.90 6.72
C ALA E 381 -47.78 -1.95 6.37
N VAL E 382 -47.49 -1.95 5.07
CA VAL E 382 -46.12 -2.02 4.58
C VAL E 382 -45.88 -0.96 3.49
N HIS E 383 -44.70 -0.35 3.52
CA HIS E 383 -44.32 0.69 2.56
C HIS E 383 -43.11 0.25 1.76
N TYR E 384 -43.08 0.62 0.48
CA TYR E 384 -41.98 0.27 -0.40
C TYR E 384 -40.89 1.34 -0.33
N VAL E 385 -39.95 1.16 0.58
CA VAL E 385 -38.88 2.13 0.83
C VAL E 385 -37.49 1.48 0.84
N GLU E 386 -36.84 1.46 -0.32
CA GLU E 386 -35.44 1.04 -0.39
C GLU E 386 -34.55 2.22 0.04
N ASN E 387 -33.85 2.04 1.15
CA ASN E 387 -32.96 3.05 1.73
C ASN E 387 -33.58 4.45 1.78
N GLY E 388 -34.90 4.54 1.85
CA GLY E 388 -35.60 5.80 1.77
C GLY E 388 -36.03 6.34 3.12
N LEU E 389 -36.60 5.47 3.95
CA LEU E 389 -37.12 5.88 5.25
C LEU E 389 -36.01 6.32 6.18
N ILE E 390 -35.02 5.46 6.37
CA ILE E 390 -33.94 5.74 7.31
C ILE E 390 -33.14 6.96 6.87
N ASN E 391 -32.97 7.12 5.55
CA ASN E 391 -32.28 8.27 5.01
C ASN E 391 -32.96 9.59 5.37
N SER E 392 -34.22 9.74 4.97
CA SER E 392 -34.98 10.95 5.28
C SER E 392 -35.09 11.16 6.78
N LEU E 393 -35.39 10.09 7.50
CA LEU E 393 -35.55 10.16 8.94
C LEU E 393 -34.26 10.64 9.62
N PHE E 394 -33.13 10.34 9.00
CA PHE E 394 -31.83 10.84 9.46
C PHE E 394 -31.60 12.29 9.05
N GLY E 395 -31.87 12.58 7.77
CA GLY E 395 -31.61 13.89 7.22
C GLY E 395 -32.44 14.98 7.87
N LEU E 396 -33.52 14.59 8.54
CA LEU E 396 -34.35 15.55 9.27
C LEU E 396 -33.84 15.75 10.68
N LEU E 397 -33.45 14.67 11.36
CA LEU E 397 -32.91 14.76 12.71
C LEU E 397 -31.67 15.62 12.71
N CYS E 398 -30.72 15.26 11.85
CA CYS E 398 -29.48 15.99 11.71
C CYS E 398 -29.55 16.99 10.56
N TRP E 399 -30.74 17.55 10.32
CA TRP E 399 -30.92 18.56 9.29
C TRP E 399 -30.08 19.79 9.63
N GLU E 400 -30.45 20.45 10.72
CA GLU E 400 -29.77 21.68 11.14
C GLU E 400 -28.26 21.49 11.33
N ALA E 401 -27.84 20.26 11.60
CA ALA E 401 -26.43 19.95 11.71
C ALA E 401 -25.75 20.03 10.34
N ILE E 402 -26.41 19.50 9.32
CA ILE E 402 -25.87 19.47 7.97
C ILE E 402 -25.77 20.86 7.36
N PHE E 403 -26.89 21.59 7.37
CA PHE E 403 -26.97 22.88 6.69
C PHE E 403 -26.36 24.05 7.47
N ALA E 404 -25.65 23.76 8.55
CA ALA E 404 -24.88 24.78 9.24
C ALA E 404 -23.64 25.12 8.42
N ALA E 405 -23.32 26.40 8.30
CA ALA E 405 -22.24 26.86 7.43
C ALA E 405 -20.88 26.85 8.12
N ILE E 406 -19.96 26.05 7.59
CA ILE E 406 -18.56 26.08 8.01
C ILE E 406 -17.82 27.02 7.05
N PRO E 407 -16.61 27.47 7.39
CA PRO E 407 -15.93 28.46 6.53
C PRO E 407 -15.74 28.04 5.06
N GLY E 408 -15.97 26.78 4.73
CA GLY E 408 -15.89 26.32 3.36
C GLY E 408 -16.96 25.30 2.98
N ALA E 409 -18.19 25.54 3.42
CA ALA E 409 -19.31 24.66 3.06
C ALA E 409 -20.11 25.24 1.89
N PHE E 410 -20.85 26.31 2.16
CA PHE E 410 -21.76 26.87 1.17
C PHE E 410 -21.23 28.21 0.68
N PHE E 411 -21.65 28.58 -0.53
CA PHE E 411 -21.28 29.87 -1.11
C PHE E 411 -22.37 30.42 -2.04
N HIS E 412 -22.90 29.57 -2.94
CA HIS E 412 -24.01 29.95 -3.80
C HIS E 412 -25.35 29.41 -3.26
N PRO E 413 -26.46 30.10 -3.55
CA PRO E 413 -27.76 29.73 -2.95
C PRO E 413 -28.32 28.40 -3.45
N PHE E 414 -28.14 28.11 -4.74
CA PHE E 414 -28.70 26.91 -5.35
C PHE E 414 -27.82 25.68 -5.16
N HIS E 415 -27.56 25.31 -3.92
CA HIS E 415 -26.76 24.13 -3.61
C HIS E 415 -27.59 23.11 -2.84
N SER E 416 -27.47 21.85 -3.23
CA SER E 416 -28.22 20.78 -2.60
C SER E 416 -27.71 20.49 -1.19
N ALA E 417 -26.40 20.38 -1.05
CA ALA E 417 -25.78 19.90 0.18
C ALA E 417 -24.45 20.61 0.44
N PRO E 418 -23.94 20.52 1.68
CA PRO E 418 -22.62 21.12 1.96
C PRO E 418 -21.51 20.52 1.08
N ALA E 419 -20.67 21.39 0.54
CA ALA E 419 -19.65 20.97 -0.43
C ALA E 419 -18.64 19.96 0.13
N ASP E 420 -18.42 19.98 1.44
CA ASP E 420 -17.44 19.08 2.05
C ASP E 420 -18.10 17.80 2.57
N LEU E 421 -18.93 17.18 1.74
CA LEU E 421 -19.68 15.99 2.15
C LEU E 421 -18.88 14.72 1.88
N HIS E 422 -18.32 14.62 0.69
CA HIS E 422 -17.50 13.47 0.32
C HIS E 422 -16.17 13.44 1.06
N SER E 423 -15.72 14.60 1.51
CA SER E 423 -14.48 14.69 2.31
C SER E 423 -14.66 13.96 3.64
N ALA E 424 -13.59 13.33 4.11
CA ALA E 424 -13.63 12.57 5.36
C ALA E 424 -13.85 13.46 6.59
N ASP E 425 -13.58 14.75 6.44
CA ASP E 425 -13.77 15.70 7.54
C ASP E 425 -15.21 16.16 7.71
N PHE E 426 -16.15 15.56 6.98
CA PHE E 426 -17.54 16.00 7.07
C PHE E 426 -18.12 15.81 8.48
N ARG E 427 -17.70 14.74 9.15
CA ARG E 427 -18.16 14.48 10.51
C ARG E 427 -17.35 15.28 11.52
N GLN E 428 -16.07 15.50 11.22
CA GLN E 428 -15.17 16.20 12.14
C GLN E 428 -15.47 17.70 12.20
N ARG E 429 -15.73 18.30 11.04
CA ARG E 429 -16.07 19.72 10.99
C ARG E 429 -17.48 20.01 11.53
N ARG E 430 -18.24 18.95 11.81
CA ARG E 430 -19.55 19.09 12.44
C ARG E 430 -19.69 18.16 13.64
N ALA E 431 -18.56 17.72 14.20
CA ALA E 431 -18.56 16.77 15.30
C ALA E 431 -19.33 17.28 16.51
N ALA E 432 -19.41 18.60 16.65
CA ALA E 432 -20.15 19.19 17.74
C ALA E 432 -21.66 19.09 17.49
N LEU E 433 -22.10 19.59 16.35
CA LEU E 433 -23.52 19.65 16.01
C LEU E 433 -24.16 18.27 15.95
N PHE E 434 -23.55 17.36 15.22
CA PHE E 434 -24.08 16.00 15.06
C PHE E 434 -24.30 15.32 16.41
N GLU E 435 -23.36 15.51 17.34
CA GLU E 435 -23.48 14.92 18.66
C GLU E 435 -24.58 15.59 19.49
N ALA E 436 -24.84 16.86 19.23
CA ALA E 436 -25.91 17.57 19.92
C ALA E 436 -27.28 17.07 19.46
N CYS E 437 -27.44 16.90 18.15
CA CYS E 437 -28.70 16.44 17.58
C CYS E 437 -28.95 14.97 17.91
N LEU E 438 -27.94 14.14 17.70
CA LEU E 438 -28.04 12.71 17.98
C LEU E 438 -28.26 12.42 19.46
N GLY E 439 -27.92 13.37 20.32
CA GLY E 439 -28.22 13.25 21.74
C GLY E 439 -29.71 13.07 21.96
N ARG E 440 -30.52 13.79 21.18
CA ARG E 440 -31.96 13.73 21.30
C ARG E 440 -32.49 12.33 21.04
N LEU E 441 -31.75 11.56 20.24
CA LEU E 441 -32.18 10.24 19.81
C LEU E 441 -32.29 9.25 20.97
N GLU E 442 -31.26 9.21 21.82
CA GLU E 442 -31.28 8.34 23.01
C GLU E 442 -31.97 9.07 24.17
N ASP E 443 -31.84 10.40 24.20
CA ASP E 443 -32.57 11.21 25.16
C ASP E 443 -34.02 11.32 24.68
N GLY E 444 -34.78 12.23 25.29
CA GLY E 444 -36.14 12.50 24.85
C GLY E 444 -36.19 13.52 23.72
N SER E 445 -37.34 13.63 23.08
CA SER E 445 -37.60 14.66 22.08
C SER E 445 -36.94 14.40 20.72
N TYR E 446 -36.93 13.14 20.30
CA TYR E 446 -36.53 12.80 18.93
C TYR E 446 -37.76 12.82 18.00
N ARG E 447 -38.95 12.75 18.59
CA ARG E 447 -40.19 12.88 17.83
C ARG E 447 -40.55 14.33 17.63
N ASP E 448 -40.48 15.12 18.70
CA ASP E 448 -40.78 16.54 18.63
C ASP E 448 -39.80 17.28 17.72
N ALA E 449 -38.56 16.78 17.66
CA ALA E 449 -37.53 17.42 16.86
C ALA E 449 -37.76 17.19 15.37
N ILE E 450 -37.99 15.93 15.00
CA ILE E 450 -38.23 15.57 13.61
C ILE E 450 -39.45 16.29 13.04
N ARG E 451 -40.52 16.30 13.82
CA ARG E 451 -41.77 16.92 13.39
C ARG E 451 -41.56 18.38 13.04
N CYS E 452 -41.02 19.16 13.98
CA CYS E 452 -40.74 20.58 13.72
C CYS E 452 -39.88 20.77 12.48
N ARG E 453 -38.84 19.94 12.33
CA ARG E 453 -37.99 20.00 11.16
C ARG E 453 -38.65 19.47 9.89
N TYR E 454 -39.70 18.66 10.08
CA TYR E 454 -40.50 18.16 8.96
C TYR E 454 -41.38 19.26 8.40
N ARG E 455 -42.15 19.92 9.26
CA ARG E 455 -43.07 20.97 8.83
C ARG E 455 -42.33 22.20 8.32
N ASP E 456 -41.33 22.64 9.09
CA ASP E 456 -40.59 23.85 8.77
C ASP E 456 -39.86 23.78 7.44
N LYS E 457 -39.09 22.70 7.26
CA LYS E 457 -38.18 22.59 6.14
C LYS E 457 -38.72 21.70 5.02
N PHE E 458 -40.03 21.62 4.88
CA PHE E 458 -40.63 20.68 3.93
C PHE E 458 -40.40 21.06 2.47
N GLY E 459 -40.24 20.05 1.63
CA GLY E 459 -40.13 20.23 0.19
C GLY E 459 -38.78 20.66 -0.35
N LEU E 460 -37.79 20.80 0.53
CA LEU E 460 -36.50 21.36 0.13
C LEU E 460 -35.56 20.32 -0.51
N GLN E 461 -34.67 20.79 -1.37
CA GLN E 461 -33.74 19.92 -2.08
C GLN E 461 -32.57 19.56 -1.17
N SER E 462 -32.83 18.62 -0.27
CA SER E 462 -31.82 18.18 0.69
C SER E 462 -31.31 16.79 0.33
N PRO E 463 -30.04 16.50 0.65
CA PRO E 463 -29.53 15.16 0.41
C PRO E 463 -30.16 14.15 1.37
N PHE E 464 -30.36 12.93 0.91
CA PHE E 464 -31.01 11.88 1.69
C PHE E 464 -32.24 12.34 2.49
N VAL E 465 -33.05 13.20 1.89
CA VAL E 465 -34.37 13.56 2.41
C VAL E 465 -35.36 13.55 1.27
N TYR E 466 -35.90 12.37 1.00
CA TYR E 466 -36.81 12.18 -0.12
C TYR E 466 -38.24 12.55 0.30
N TRP E 467 -38.54 13.83 0.19
CA TRP E 467 -39.82 14.37 0.64
C TRP E 467 -41.00 13.76 -0.10
N GLU E 468 -40.84 13.58 -1.40
CA GLU E 468 -41.94 13.12 -2.25
C GLU E 468 -42.43 11.73 -1.84
N LEU E 469 -41.59 11.00 -1.11
CA LEU E 469 -41.92 9.67 -0.63
C LEU E 469 -42.50 9.70 0.78
N LEU E 470 -41.82 10.39 1.70
CA LEU E 470 -42.23 10.39 3.09
C LEU E 470 -43.52 11.20 3.27
N GLY E 471 -44.62 10.49 3.50
CA GLY E 471 -45.90 11.12 3.73
C GLY E 471 -46.12 11.40 5.20
N GLU E 472 -47.09 12.26 5.51
CA GLU E 472 -47.36 12.63 6.89
C GLU E 472 -47.89 11.45 7.70
N GLU E 473 -48.53 10.51 7.01
CA GLU E 473 -49.08 9.33 7.67
C GLU E 473 -47.97 8.37 8.09
N LEU E 474 -47.07 8.09 7.14
CA LEU E 474 -45.95 7.16 7.38
C LEU E 474 -45.08 7.57 8.56
N LEU E 475 -44.67 8.83 8.57
CA LEU E 475 -43.74 9.34 9.57
C LEU E 475 -44.17 8.99 11.00
N GLU E 476 -45.42 9.29 11.32
CA GLU E 476 -45.93 9.07 12.68
C GLU E 476 -45.89 7.59 13.07
N GLN E 477 -46.04 6.71 12.10
CA GLN E 477 -45.99 5.27 12.35
C GLN E 477 -44.58 4.82 12.67
N ALA E 478 -43.63 5.27 11.85
CA ALA E 478 -42.22 4.91 12.01
C ALA E 478 -41.71 5.33 13.39
N LEU E 479 -42.07 6.54 13.81
CA LEU E 479 -41.61 7.07 15.09
C LEU E 479 -42.03 6.21 16.28
N ASP E 480 -43.13 5.49 16.14
CA ASP E 480 -43.65 4.65 17.22
C ASP E 480 -42.98 3.28 17.22
N CYS E 481 -42.94 2.64 16.06
CA CYS E 481 -42.42 1.28 15.95
C CYS E 481 -40.90 1.25 15.98
N LEU E 482 -40.26 2.09 15.17
CA LEU E 482 -38.81 2.15 15.14
C LEU E 482 -38.29 2.63 16.50
N PRO E 483 -37.49 1.78 17.18
CA PRO E 483 -37.07 2.15 18.54
C PRO E 483 -35.89 3.11 18.57
N ALA E 484 -35.62 3.66 19.74
CA ALA E 484 -34.54 4.63 19.92
C ALA E 484 -33.18 4.03 19.60
N ALA E 485 -32.89 2.87 20.18
CA ALA E 485 -31.58 2.21 20.03
C ALA E 485 -31.24 1.87 18.57
N HIS E 486 -32.24 1.44 17.80
CA HIS E 486 -32.00 1.02 16.42
C HIS E 486 -31.78 2.22 15.51
N LEU E 487 -32.52 3.29 15.76
CA LEU E 487 -32.27 4.55 15.09
C LEU E 487 -30.91 5.10 15.55
N ARG E 488 -30.61 4.88 16.82
CA ARG E 488 -29.35 5.32 17.42
C ARG E 488 -28.17 4.56 16.82
N ALA E 489 -28.43 3.34 16.33
CA ALA E 489 -27.40 2.53 15.71
C ALA E 489 -27.25 2.85 14.22
N TRP E 490 -28.38 3.03 13.54
CA TRP E 490 -28.38 3.30 12.10
C TRP E 490 -27.64 4.59 11.77
N PHE E 491 -28.14 5.70 12.32
CA PHE E 491 -27.62 7.03 11.99
C PHE E 491 -26.12 7.12 12.23
N GLU E 492 -25.67 6.61 13.37
CA GLU E 492 -24.25 6.61 13.69
C GLU E 492 -23.42 5.91 12.63
N ARG E 493 -24.00 4.88 12.00
CA ARG E 493 -23.29 4.13 10.98
C ARG E 493 -23.18 4.94 9.68
N LEU E 494 -24.20 5.71 9.35
CA LEU E 494 -24.16 6.54 8.16
C LEU E 494 -23.03 7.54 8.29
N LEU E 495 -22.82 8.05 9.50
CA LEU E 495 -21.78 9.02 9.76
C LEU E 495 -20.37 8.44 9.62
N GLU E 496 -20.22 7.14 9.79
CA GLU E 496 -18.93 6.47 9.59
C GLU E 496 -18.53 6.55 8.12
N ASP E 497 -19.49 6.30 7.23
CA ASP E 497 -19.27 6.40 5.79
C ASP E 497 -20.56 6.89 5.15
N ILE E 498 -20.62 8.17 4.82
CA ILE E 498 -21.84 8.77 4.28
C ILE E 498 -22.06 8.36 2.83
N PRO E 499 -21.05 8.49 1.96
CA PRO E 499 -21.26 8.04 0.59
C PRO E 499 -21.47 6.52 0.47
N GLY E 500 -20.94 5.77 1.43
CA GLY E 500 -20.95 4.32 1.34
C GLY E 500 -22.23 3.67 1.85
N ASN E 501 -22.76 4.19 2.95
CA ASN E 501 -23.93 3.61 3.60
C ASN E 501 -25.26 4.28 3.20
N ARG E 502 -25.23 5.12 2.17
CA ARG E 502 -26.45 5.79 1.72
C ARG E 502 -27.36 4.83 0.94
N ALA E 503 -26.77 3.77 0.38
CA ALA E 503 -27.52 2.82 -0.44
C ALA E 503 -27.44 1.41 0.12
N GLY E 504 -28.39 0.58 -0.28
CA GLY E 504 -28.38 -0.83 0.02
C GLY E 504 -29.19 -1.15 1.27
N LEU E 505 -30.50 -1.20 1.11
CA LEU E 505 -31.39 -1.47 2.23
C LEU E 505 -32.65 -2.20 1.78
N PRO E 506 -33.41 -2.74 2.74
CA PRO E 506 -34.65 -3.47 2.45
C PRO E 506 -35.67 -2.67 1.64
N ASP E 507 -36.17 -3.25 0.56
CA ASP E 507 -37.23 -2.67 -0.24
C ASP E 507 -38.43 -2.24 0.61
N LEU E 508 -38.87 -3.14 1.49
CA LEU E 508 -40.09 -2.93 2.26
C LEU E 508 -39.83 -2.74 3.76
N ILE E 509 -40.78 -2.11 4.45
CA ILE E 509 -40.75 -2.01 5.91
C ILE E 509 -42.18 -2.09 6.45
N GLN E 510 -42.41 -3.02 7.37
CA GLN E 510 -43.75 -3.24 7.94
C GLN E 510 -43.81 -2.77 9.38
N PHE E 511 -44.99 -2.38 9.82
CA PHE E 511 -45.20 -1.85 11.16
C PHE E 511 -46.42 -2.51 11.81
N TRP E 512 -46.26 -2.87 13.09
CA TRP E 512 -47.32 -3.49 13.88
C TRP E 512 -47.69 -2.55 15.04
N PRO E 513 -48.58 -1.57 14.78
CA PRO E 513 -48.89 -0.52 15.76
C PRO E 513 -49.31 -0.99 17.15
N ALA E 514 -50.11 -2.05 17.22
CA ALA E 514 -50.65 -2.51 18.50
C ALA E 514 -49.52 -2.87 19.48
N GLN E 515 -48.91 -4.03 19.31
CA GLN E 515 -47.67 -4.34 20.00
C GLN E 515 -46.54 -3.77 19.14
N ARG E 516 -46.24 -2.49 19.37
CA ARG E 516 -45.25 -1.76 18.57
C ARG E 516 -44.04 -2.61 18.21
N ARG E 517 -43.78 -2.72 16.91
CA ARG E 517 -42.74 -3.60 16.38
C ARG E 517 -42.73 -3.39 14.87
N TYR E 518 -41.57 -3.54 14.24
CA TYR E 518 -41.44 -3.38 12.79
C TYR E 518 -40.61 -4.52 12.24
N ARG E 519 -40.47 -4.56 10.92
CA ARG E 519 -39.60 -5.52 10.27
C ARG E 519 -39.34 -5.12 8.82
N MET E 520 -38.07 -5.01 8.45
CA MET E 520 -37.71 -4.62 7.09
C MET E 520 -37.46 -5.87 6.26
N VAL E 521 -37.84 -5.84 4.99
CA VAL E 521 -37.71 -7.01 4.13
C VAL E 521 -37.40 -6.66 2.67
N GLU E 522 -36.30 -7.23 2.17
CA GLU E 522 -35.94 -7.14 0.77
C GLU E 522 -36.61 -8.27 0.01
N VAL E 523 -37.19 -7.96 -1.15
CA VAL E 523 -37.91 -8.94 -1.94
C VAL E 523 -37.21 -9.19 -3.27
N LYS E 524 -37.02 -10.47 -3.58
CA LYS E 524 -36.27 -10.89 -4.76
C LYS E 524 -36.97 -12.05 -5.46
N GLY E 525 -36.85 -12.10 -6.78
CA GLY E 525 -37.25 -13.27 -7.53
C GLY E 525 -36.06 -14.20 -7.63
N PRO E 526 -36.26 -15.43 -8.14
CA PRO E 526 -35.14 -16.34 -8.34
C PRO E 526 -34.09 -15.75 -9.28
N GLY E 527 -34.55 -14.90 -10.20
CA GLY E 527 -33.66 -14.24 -11.14
C GLY E 527 -32.64 -13.31 -10.49
N ASP E 528 -32.88 -12.92 -9.23
CA ASP E 528 -31.95 -12.04 -8.52
C ASP E 528 -31.23 -12.74 -7.39
N ARG E 529 -30.10 -12.16 -7.01
CA ARG E 529 -29.41 -12.51 -5.78
C ARG E 529 -28.83 -11.21 -5.24
N LEU E 530 -29.15 -10.88 -4.00
CA LEU E 530 -28.90 -9.53 -3.46
C LEU E 530 -27.46 -9.04 -3.62
N GLN E 531 -27.29 -7.72 -3.49
CA GLN E 531 -26.04 -7.05 -3.80
C GLN E 531 -25.12 -6.99 -2.59
N ASP E 532 -23.95 -6.40 -2.78
CA ASP E 532 -22.97 -6.29 -1.72
C ASP E 532 -23.37 -5.25 -0.68
N ASN E 533 -23.96 -4.15 -1.14
CA ASN E 533 -24.37 -3.07 -0.23
C ASN E 533 -25.53 -3.48 0.67
N GLN E 534 -26.44 -4.29 0.16
CA GLN E 534 -27.55 -4.79 0.94
C GLN E 534 -27.08 -5.85 1.94
N LEU E 535 -26.22 -6.75 1.46
CA LEU E 535 -25.66 -7.80 2.30
C LEU E 535 -25.01 -7.23 3.55
N ARG E 536 -24.23 -6.16 3.38
CA ARG E 536 -23.57 -5.50 4.49
C ARG E 536 -24.58 -4.89 5.47
N TRP E 537 -25.76 -4.55 4.97
CA TRP E 537 -26.82 -3.99 5.81
C TRP E 537 -27.53 -5.04 6.64
N LEU E 538 -27.72 -6.23 6.07
CA LEU E 538 -28.39 -7.30 6.78
C LEU E 538 -27.51 -7.82 7.92
N GLN E 539 -26.19 -7.83 7.70
CA GLN E 539 -25.25 -8.20 8.74
C GLN E 539 -25.37 -7.23 9.92
N PHE E 540 -25.30 -5.94 9.62
CA PHE E 540 -25.37 -4.91 10.65
C PHE E 540 -26.67 -5.01 11.46
N CYS E 541 -27.73 -5.52 10.83
CA CYS E 541 -29.01 -5.63 11.50
C CYS E 541 -29.08 -6.85 12.42
N ARG E 542 -28.66 -8.01 11.92
CA ARG E 542 -28.68 -9.22 12.73
C ARG E 542 -27.74 -9.12 13.93
N GLU E 543 -26.64 -8.38 13.75
CA GLU E 543 -25.69 -8.15 14.84
C GLU E 543 -26.35 -7.38 15.99
N ARG E 544 -27.24 -6.45 15.65
CA ARG E 544 -27.93 -5.65 16.65
C ARG E 544 -29.32 -6.18 16.99
N GLU E 545 -29.61 -7.42 16.58
CA GLU E 545 -30.91 -8.04 16.83
C GLU E 545 -32.06 -7.18 16.29
N MET E 546 -31.84 -6.54 15.16
CA MET E 546 -32.87 -5.74 14.50
C MET E 546 -33.77 -6.67 13.70
N PRO E 547 -35.10 -6.60 13.94
CA PRO E 547 -36.01 -7.43 13.13
C PRO E 547 -35.90 -7.13 11.65
N VAL E 548 -35.26 -8.04 10.90
CA VAL E 548 -35.18 -7.94 9.46
C VAL E 548 -35.21 -9.33 8.84
N ALA E 549 -35.53 -9.40 7.56
CA ALA E 549 -35.66 -10.68 6.88
C ALA E 549 -35.48 -10.50 5.38
N VAL E 550 -35.36 -11.61 4.66
CA VAL E 550 -35.34 -11.60 3.19
C VAL E 550 -36.46 -12.50 2.67
N CYS E 551 -37.10 -12.03 1.60
CA CYS E 551 -38.25 -12.73 1.03
C CYS E 551 -37.96 -13.15 -0.41
N TYR E 552 -38.20 -14.42 -0.72
CA TYR E 552 -37.97 -14.95 -2.05
C TYR E 552 -39.30 -15.22 -2.77
N VAL E 553 -39.24 -15.35 -4.09
CA VAL E 553 -40.39 -15.72 -4.89
C VAL E 553 -39.98 -16.72 -5.96
MN MN I . 24.10 9.68 3.57
MN MN J . 22.80 6.04 3.60
MN MN K . -35.97 -6.30 -4.53
MN MN L . -34.99 -2.52 -4.54
#